data_9S2U
#
_entry.id   9S2U
#
_cell.length_a   1.00
_cell.length_b   1.00
_cell.length_c   1.00
_cell.angle_alpha   90.00
_cell.angle_beta   90.00
_cell.angle_gamma   90.00
#
_symmetry.space_group_name_H-M   'P 1'
#
loop_
_entity.id
_entity.type
_entity.pdbx_description
1 polymer 'Siderophore exporter MmpL5,Green fluorescent protein'
2 polymer 'Meromycolate extension acyl carrier protein'
#
loop_
_entity_poly.entity_id
_entity_poly.type
_entity_poly.pdbx_seq_one_letter_code
_entity_poly.pdbx_strand_id
1 'polypeptide(L)'
;MIVQRTAAPTGSVPPDRHAARPFIPRMIRTFAVPIILGWLVTIAVLNVTVPQLETVGQIQAVSMSPDAAPSMISMKHIGK
VFEEGDSDSAAMIVLEGQRPLGDAAHAFYDQMIGRLQADTTHVQSLQDFWGDPLTATGAQSSDGKAAYVQVKLAGNQGES
LANESVEAVKTIVERLAPPPGVKVYVTGSAALVADQQQAGDRSLQVIEAVTFTVIIVMLLLVYRSIITSAIMLTMVVLGL
LATRGGVAFLGFHRIIGLSTFATNLLVVLAIAAATDYAIFLIGRYQEARGLGQDRESAYYTMFGGTAHVVLGSGLTIAGA
TFCLSFTRLPYFQTLGVPLAIGMVIVVAAALTLGPAIIAVTSRFGKLLEPKRMARVRGWRKVGAAIVRWPGPILVGAVAL
ALVGLLTLPGYRTNYNDRNYLPADLPANEGYAAAERHFSQARMNPEVLMVESDHDMRNSADFLVINKIAKAIFAVEGISR
VQAITRPDGKPIESFYLPPEVFDNPDFQRGLEQFLSPDGHAVRFIISHEGDPMSQAGIARIAKIKTAAKEAIKGTPLEGS
AIYLGGTAAMFKDLSDGNTYDLMIAGISALCLIFIIMLITTRSVVAAAVIVGTVVLSLGASFGLSVLIWQHILGIELHWL
VLAMAVIILLAVGADYNLLLVARLKEEIHAGINTGIIRAMGGSGSVVTAAGLVFAFTMMSFAVSELTVMAQVGTTIGMGL
LFDTLIVRSFMTPSIAALLGKWFWWPQVVRQRPIPQPWPSPASARTFALVALEVLFQGPQFSKGEELFTGVVPILVELDG
DVNGHKFSVSGEGEGDATYGKLTLKFICTTGKLPVPWPTLVTTLTYGVQCFSRYPDHMKRHDFFKSAMPEGYVQERTISF
KDDGNYKTRAEVKFEGDTLVNRIELKGIDFKEDGNILGHKLEYNYNSHNVYITADKQKNGIKANFKIRHNIEDGSVQLAD
HYQQNTPIGDGPVLLPDNHYLSTQSALSKDPNEKRDHMVLLEFVTAAGITHGMDELYKTSDYKDDDDK
;
D
2 'polypeptide(L)' ATQEEIIAGLAEIIEEVTGIEPSEVTPEKSFVDDLDIDSLSMVEIAVQTEDKYGVKIPDEDLAGLRTVGDVVAYIQKL I
#
# COMPACT_ATOMS: atom_id res chain seq x y z
N ARG A 21 -23.70 -22.96 -10.77
CA ARG A 21 -23.87 -21.79 -9.87
C ARG A 21 -24.56 -22.16 -8.55
N PRO A 22 -25.65 -22.96 -8.54
CA PRO A 22 -26.26 -23.36 -7.26
C PRO A 22 -25.55 -24.52 -6.56
N PHE A 23 -24.30 -24.82 -6.94
CA PHE A 23 -23.59 -25.96 -6.38
C PHE A 23 -22.62 -25.58 -5.26
N ILE A 24 -21.71 -24.64 -5.53
CA ILE A 24 -20.76 -24.22 -4.50
C ILE A 24 -21.50 -23.63 -3.29
N PRO A 25 -22.51 -22.75 -3.45
CA PRO A 25 -23.33 -22.36 -2.30
C PRO A 25 -24.03 -23.54 -1.64
N ARG A 26 -24.44 -24.55 -2.42
CA ARG A 26 -25.08 -25.72 -1.84
C ARG A 26 -24.10 -26.58 -1.06
N MET A 27 -22.79 -26.39 -1.26
CA MET A 27 -21.79 -27.05 -0.44
C MET A 27 -21.33 -26.19 0.74
N ILE A 28 -21.46 -24.86 0.62
CA ILE A 28 -21.01 -23.96 1.67
C ILE A 28 -22.10 -23.70 2.72
N ARG A 29 -23.36 -23.61 2.31
CA ARG A 29 -24.43 -23.27 3.23
C ARG A 29 -25.02 -24.51 3.93
N THR A 30 -25.24 -25.60 3.21
CA THR A 30 -25.78 -26.80 3.84
C THR A 30 -24.82 -27.34 4.90
N PHE A 31 -23.51 -27.26 4.62
CA PHE A 31 -22.51 -27.64 5.60
C PHE A 31 -22.01 -26.44 6.41
N ALA A 32 -22.85 -25.41 6.59
CA ALA A 32 -22.40 -24.18 7.22
C ALA A 32 -21.86 -24.44 8.63
N VAL A 33 -22.63 -25.17 9.44
CA VAL A 33 -22.20 -25.42 10.82
C VAL A 33 -20.92 -26.23 10.87
N PRO A 34 -20.79 -27.39 10.18
CA PRO A 34 -19.52 -28.12 10.24
C PRO A 34 -18.33 -27.32 9.72
N ILE A 35 -18.50 -26.53 8.67
CA ILE A 35 -17.36 -25.76 8.15
C ILE A 35 -17.01 -24.62 9.09
N ILE A 36 -18.00 -24.01 9.76
CA ILE A 36 -17.68 -23.00 10.76
C ILE A 36 -16.92 -23.62 11.93
N LEU A 37 -17.34 -24.82 12.36
CA LEU A 37 -16.62 -25.52 13.41
C LEU A 37 -15.19 -25.84 12.94
N GLY A 38 -15.03 -26.24 11.69
CA GLY A 38 -13.72 -26.50 11.13
C GLY A 38 -12.86 -25.24 11.12
N TRP A 39 -13.45 -24.10 10.74
CA TRP A 39 -12.72 -22.85 10.77
C TRP A 39 -12.29 -22.51 12.18
N LEU A 40 -13.19 -22.69 13.16
CA LEU A 40 -12.86 -22.38 14.55
C LEU A 40 -11.74 -23.28 15.05
N VAL A 41 -11.82 -24.58 14.76
CA VAL A 41 -10.83 -25.52 15.27
C VAL A 41 -9.48 -25.28 14.58
N THR A 42 -9.49 -24.98 13.29
CA THR A 42 -8.23 -24.71 12.59
C THR A 42 -7.62 -23.39 13.09
N ILE A 43 -8.45 -22.38 13.39
CA ILE A 43 -7.94 -21.15 13.98
C ILE A 43 -7.33 -21.45 15.34
N ALA A 44 -8.00 -22.28 16.15
CA ALA A 44 -7.51 -22.62 17.47
C ALA A 44 -6.17 -23.33 17.38
N VAL A 45 -6.05 -24.30 16.47
CA VAL A 45 -4.81 -25.07 16.36
C VAL A 45 -3.71 -24.23 15.72
N LEU A 46 -4.08 -23.22 14.93
CA LEU A 46 -3.09 -22.32 14.35
C LEU A 46 -2.67 -21.23 15.33
N ASN A 47 -3.44 -21.02 16.40
CA ASN A 47 -3.10 -19.99 17.37
C ASN A 47 -2.48 -20.54 18.66
N VAL A 48 -2.78 -21.78 19.05
CA VAL A 48 -2.28 -22.32 20.31
C VAL A 48 -0.91 -22.99 20.13
N THR A 49 -0.76 -23.84 19.10
CA THR A 49 0.51 -24.50 18.84
C THR A 49 1.38 -23.61 17.95
N VAL A 50 0.85 -23.22 16.80
CA VAL A 50 1.55 -22.26 15.96
C VAL A 50 1.44 -20.89 16.60
N PRO A 51 2.57 -20.19 16.82
CA PRO A 51 2.53 -18.88 17.48
C PRO A 51 1.65 -17.88 16.76
N GLN A 52 1.35 -16.77 17.44
CA GLN A 52 0.58 -15.70 16.86
C GLN A 52 1.35 -15.07 15.68
N LEU A 53 0.62 -14.37 14.82
CA LEU A 53 1.21 -13.87 13.59
C LEU A 53 2.34 -12.89 13.88
N GLU A 54 2.22 -12.11 14.95
CA GLU A 54 3.27 -11.15 15.28
C GLU A 54 4.59 -11.88 15.57
N THR A 55 4.53 -12.89 16.43
CA THR A 55 5.73 -13.65 16.77
C THR A 55 6.23 -14.46 15.57
N VAL A 56 5.32 -14.90 14.70
CA VAL A 56 5.73 -15.66 13.52
C VAL A 56 6.46 -14.77 12.53
N GLY A 57 5.96 -13.54 12.36
CA GLY A 57 6.67 -12.57 11.53
C GLY A 57 8.01 -12.19 12.13
N GLN A 58 8.07 -12.07 13.46
CA GLN A 58 9.33 -11.80 14.13
C GLN A 58 10.33 -12.93 13.91
N ILE A 59 9.85 -14.18 13.95
CA ILE A 59 10.70 -15.36 13.75
C ILE A 59 10.97 -15.61 12.27
N GLN A 60 10.12 -15.08 11.38
CA GLN A 60 10.25 -15.30 9.94
C GLN A 60 10.09 -13.97 9.24
N ALA A 61 11.21 -13.26 9.08
CA ALA A 61 11.23 -11.98 8.39
C ALA A 61 12.12 -12.08 7.15
N VAL A 62 12.16 -10.99 6.37
CA VAL A 62 12.89 -10.96 5.12
C VAL A 62 13.81 -9.76 5.12
N SER A 63 14.85 -9.86 4.27
CA SER A 63 15.90 -8.85 4.23
C SER A 63 15.33 -7.52 3.77
N MET A 64 15.92 -6.45 4.28
CA MET A 64 15.58 -5.09 3.88
C MET A 64 16.62 -4.53 2.92
N SER A 65 17.77 -5.22 2.80
CA SER A 65 18.77 -5.02 1.76
C SER A 65 18.61 -6.12 0.70
N PRO A 66 19.05 -5.88 -0.54
CA PRO A 66 18.77 -6.84 -1.61
C PRO A 66 19.40 -8.22 -1.41
N ASP A 67 19.14 -9.13 -2.35
CA ASP A 67 19.81 -10.42 -2.39
C ASP A 67 20.44 -10.73 -3.75
N ALA A 68 20.14 -9.92 -4.78
CA ALA A 68 20.68 -10.13 -6.13
C ALA A 68 21.13 -8.82 -6.76
N ALA A 69 21.58 -7.87 -5.94
CA ALA A 69 21.95 -6.53 -6.38
C ALA A 69 23.37 -6.22 -5.91
N PRO A 70 24.07 -5.30 -6.58
CA PRO A 70 25.44 -4.97 -6.19
C PRO A 70 25.60 -4.62 -4.72
N SER A 71 24.60 -3.96 -4.13
CA SER A 71 24.70 -3.55 -2.73
C SER A 71 24.85 -4.76 -1.82
N MET A 72 24.07 -5.81 -2.07
CA MET A 72 24.16 -6.98 -1.22
C MET A 72 25.44 -7.76 -1.51
N ILE A 73 25.83 -7.83 -2.78
CA ILE A 73 27.07 -8.49 -3.14
C ILE A 73 28.24 -7.82 -2.44
N SER A 74 28.18 -6.49 -2.30
CA SER A 74 29.23 -5.75 -1.62
C SER A 74 29.39 -6.20 -0.17
N MET A 75 28.27 -6.21 0.55
CA MET A 75 28.30 -6.60 1.95
C MET A 75 28.70 -8.07 2.11
N LYS A 76 28.22 -8.93 1.21
CA LYS A 76 28.57 -10.34 1.28
C LYS A 76 30.06 -10.54 1.11
N HIS A 77 30.66 -9.90 0.10
CA HIS A 77 32.09 -10.01 -0.10
C HIS A 77 32.87 -9.37 1.04
N ILE A 78 32.35 -8.27 1.59
CA ILE A 78 32.97 -7.62 2.74
C ILE A 78 33.04 -8.59 3.92
N GLY A 79 31.93 -9.27 4.19
CA GLY A 79 31.92 -10.29 5.23
C GLY A 79 32.86 -11.45 4.90
N LYS A 80 32.94 -11.81 3.62
CA LYS A 80 33.79 -12.91 3.21
C LYS A 80 35.26 -12.59 3.51
N VAL A 81 35.69 -11.37 3.20
CA VAL A 81 37.10 -11.02 3.29
C VAL A 81 37.48 -10.52 4.69
N PHE A 82 36.62 -9.73 5.32
CA PHE A 82 36.95 -9.12 6.61
C PHE A 82 36.71 -10.05 7.79
N GLU A 83 36.01 -11.18 7.59
CA GLU A 83 35.67 -12.10 8.66
C GLU A 83 34.87 -11.38 9.76
N GLU A 84 34.02 -10.44 9.35
CA GLU A 84 33.22 -9.64 10.26
C GLU A 84 31.73 -9.90 10.02
N GLY A 85 31.38 -11.18 9.87
CA GLY A 85 29.99 -11.55 9.70
C GLY A 85 29.60 -11.52 8.22
N ASP A 86 28.88 -12.56 7.79
CA ASP A 86 28.50 -12.72 6.39
C ASP A 86 27.18 -11.99 6.07
N SER A 87 26.80 -11.00 6.87
CA SER A 87 25.56 -10.28 6.65
C SER A 87 25.85 -8.79 6.60
N ASP A 88 24.78 -7.99 6.41
CA ASP A 88 24.89 -6.55 6.22
C ASP A 88 24.25 -5.73 7.33
N SER A 89 23.58 -6.37 8.30
CA SER A 89 22.87 -5.62 9.33
C SER A 89 23.87 -4.85 10.19
N ALA A 90 23.53 -3.59 10.49
CA ALA A 90 24.37 -2.75 11.32
C ALA A 90 23.48 -1.83 12.15
N ALA A 91 23.59 -1.97 13.47
CA ALA A 91 22.85 -1.13 14.41
C ALA A 91 23.79 -0.11 15.03
N MET A 92 23.21 0.80 15.81
CA MET A 92 23.95 1.85 16.48
C MET A 92 23.36 2.10 17.86
N ILE A 93 24.18 2.67 18.73
CA ILE A 93 23.80 2.93 20.11
C ILE A 93 24.29 4.33 20.48
N VAL A 94 23.44 5.08 21.19
CA VAL A 94 23.73 6.47 21.50
C VAL A 94 23.74 6.67 23.01
N LEU A 95 24.74 7.40 23.50
CA LEU A 95 24.85 7.77 24.90
C LEU A 95 24.91 9.29 24.99
N GLU A 96 23.78 9.91 25.30
CA GLU A 96 23.68 11.36 25.37
C GLU A 96 23.28 11.79 26.79
N GLY A 97 23.79 12.96 27.19
CA GLY A 97 23.51 13.48 28.50
C GLY A 97 23.42 15.01 28.53
N GLN A 98 23.31 15.57 29.73
CA GLN A 98 23.17 17.01 29.89
C GLN A 98 24.50 17.75 29.83
N ARG A 99 25.62 17.03 29.85
CA ARG A 99 26.93 17.66 29.80
C ARG A 99 27.88 16.70 29.10
N PRO A 100 29.11 17.14 28.77
CA PRO A 100 30.07 16.22 28.17
C PRO A 100 30.30 14.97 29.01
N LEU A 101 30.42 13.83 28.33
CA LEU A 101 30.55 12.55 29.01
C LEU A 101 31.93 12.43 29.64
N GLY A 102 31.95 11.93 30.89
CA GLY A 102 33.18 11.77 31.64
C GLY A 102 33.74 10.35 31.51
N ASP A 103 34.67 10.05 32.42
CA ASP A 103 35.30 8.74 32.44
C ASP A 103 34.37 7.66 32.97
N ALA A 104 33.42 8.02 33.82
CA ALA A 104 32.42 7.06 34.29
C ALA A 104 31.60 6.51 33.12
N ALA A 105 31.20 7.41 32.21
CA ALA A 105 30.49 6.97 31.01
C ALA A 105 31.36 6.05 30.17
N HIS A 106 32.66 6.34 30.06
CA HIS A 106 33.56 5.48 29.32
C HIS A 106 33.67 4.09 29.95
N ALA A 107 33.74 4.04 31.28
CA ALA A 107 33.82 2.75 31.97
C ALA A 107 32.54 1.94 31.74
N PHE A 108 31.38 2.60 31.85
CA PHE A 108 30.12 1.93 31.60
C PHE A 108 30.05 1.43 30.16
N TYR A 109 30.50 2.25 29.22
CA TYR A 109 30.51 1.87 27.81
C TYR A 109 31.43 0.67 27.56
N ASP A 110 32.59 0.66 28.22
CA ASP A 110 33.51 -0.46 28.08
C ASP A 110 32.89 -1.75 28.62
N GLN A 111 32.23 -1.67 29.78
CA GLN A 111 31.57 -2.84 30.34
C GLN A 111 30.48 -3.33 29.39
N MET A 112 29.70 -2.40 28.84
CA MET A 112 28.64 -2.77 27.91
C MET A 112 29.21 -3.40 26.63
N ILE A 113 30.34 -2.88 26.15
CA ILE A 113 30.98 -3.43 24.96
C ILE A 113 31.48 -4.85 25.24
N GLY A 114 32.08 -5.06 26.39
CA GLY A 114 32.52 -6.40 26.78
C GLY A 114 31.35 -7.37 26.84
N ARG A 115 30.24 -6.94 27.44
CA ARG A 115 29.06 -7.79 27.51
C ARG A 115 28.52 -8.10 26.12
N LEU A 116 28.49 -7.11 25.23
CA LEU A 116 28.02 -7.34 23.87
C LEU A 116 28.91 -8.33 23.13
N GLN A 117 30.23 -8.15 23.25
CA GLN A 117 31.16 -9.08 22.62
C GLN A 117 31.06 -10.48 23.21
N ALA A 118 30.64 -10.59 24.49
CA ALA A 118 30.44 -11.89 25.09
C ALA A 118 29.40 -12.71 24.32
N ASP A 119 28.32 -12.06 23.91
CA ASP A 119 27.31 -12.71 23.09
C ASP A 119 27.88 -13.01 21.71
N THR A 120 27.54 -14.19 21.18
CA THR A 120 28.06 -14.61 19.89
C THR A 120 26.93 -14.98 18.92
N THR A 121 25.85 -15.54 19.45
CA THR A 121 24.75 -15.96 18.59
C THR A 121 23.99 -14.77 18.00
N HIS A 122 24.07 -13.60 18.64
CA HIS A 122 23.31 -12.43 18.20
C HIS A 122 24.20 -11.46 17.41
N VAL A 123 25.31 -11.02 17.99
CA VAL A 123 26.19 -10.09 17.31
C VAL A 123 27.28 -10.87 16.56
N GLN A 124 27.46 -10.55 15.28
CA GLN A 124 28.47 -11.22 14.48
C GLN A 124 29.83 -10.55 14.67
N SER A 125 29.84 -9.22 14.77
CA SER A 125 31.08 -8.48 14.90
C SER A 125 30.78 -7.14 15.51
N LEU A 126 31.83 -6.48 16.01
CA LEU A 126 31.70 -5.17 16.63
C LEU A 126 32.63 -4.20 15.89
N GLN A 127 32.02 -3.15 15.33
CA GLN A 127 32.76 -2.08 14.67
C GLN A 127 33.01 -0.95 15.66
N ASP A 128 33.65 -1.30 16.78
CA ASP A 128 33.88 -0.36 17.85
C ASP A 128 34.73 0.81 17.35
N PHE A 129 34.26 2.03 17.62
CA PHE A 129 34.99 3.24 17.27
C PHE A 129 35.18 4.18 18.47
N TRP A 130 34.17 4.29 19.33
CA TRP A 130 34.26 5.20 20.46
C TRP A 130 35.33 4.75 21.45
N GLY A 131 35.44 3.43 21.67
CA GLY A 131 36.41 2.92 22.64
C GLY A 131 37.84 3.29 22.27
N ASP A 132 38.18 3.15 20.99
CA ASP A 132 39.53 3.43 20.54
C ASP A 132 39.77 4.93 20.49
N PRO A 133 40.74 5.48 21.23
CA PRO A 133 40.99 6.92 21.18
C PRO A 133 41.34 7.44 19.78
N LEU A 134 42.03 6.62 18.98
CA LEU A 134 42.47 7.06 17.66
C LEU A 134 41.30 7.43 16.77
N THR A 135 40.14 6.81 17.01
CA THR A 135 38.93 7.07 16.22
C THR A 135 37.77 7.49 17.11
N ALA A 136 38.04 7.96 18.33
CA ALA A 136 36.97 8.42 19.21
C ALA A 136 36.31 9.70 18.67
N THR A 137 37.06 10.51 17.91
CA THR A 137 36.50 11.74 17.35
C THR A 137 35.39 11.45 16.36
N GLY A 138 35.43 10.27 15.73
CA GLY A 138 34.41 9.88 14.77
C GLY A 138 33.11 9.42 15.41
N ALA A 139 33.09 9.26 16.75
CA ALA A 139 31.89 8.85 17.47
C ALA A 139 31.29 10.01 18.29
N GLN A 140 32.11 10.71 19.05
CA GLN A 140 31.62 11.80 19.88
C GLN A 140 31.20 12.98 19.01
N SER A 141 30.18 13.71 19.48
CA SER A 141 29.62 14.83 18.73
C SER A 141 30.51 16.05 18.84
N SER A 142 30.16 17.10 18.10
CA SER A 142 30.93 18.34 18.10
C SER A 142 30.96 18.98 19.48
N ASP A 143 29.81 19.01 20.15
CA ASP A 143 29.69 19.60 21.49
C ASP A 143 30.15 18.64 22.59
N GLY A 144 30.39 17.37 22.26
CA GLY A 144 30.89 16.41 23.23
C GLY A 144 29.81 15.82 24.13
N LYS A 145 28.53 16.08 23.85
CA LYS A 145 27.44 15.62 24.70
C LYS A 145 26.83 14.31 24.23
N ALA A 146 27.39 13.69 23.19
CA ALA A 146 26.84 12.44 22.67
C ALA A 146 27.96 11.62 22.05
N ALA A 147 27.69 10.32 21.87
CA ALA A 147 28.59 9.41 21.20
C ALA A 147 27.78 8.23 20.65
N TYR A 148 28.39 7.50 19.72
CA TYR A 148 27.73 6.35 19.13
C TYR A 148 28.76 5.30 18.74
N VAL A 149 28.30 4.05 18.70
CA VAL A 149 29.11 2.92 18.26
C VAL A 149 28.28 2.12 17.26
N GLN A 150 28.97 1.47 16.31
CA GLN A 150 28.32 0.68 15.28
C GLN A 150 28.57 -0.81 15.55
N VAL A 151 27.49 -1.58 15.63
CA VAL A 151 27.59 -3.02 15.80
C VAL A 151 27.09 -3.70 14.52
N LYS A 152 27.60 -4.89 14.27
CA LYS A 152 27.18 -5.71 13.14
C LYS A 152 26.47 -6.94 13.70
N LEU A 153 25.17 -7.03 13.44
CA LEU A 153 24.36 -8.08 14.00
C LEU A 153 24.37 -9.31 13.09
N ALA A 154 23.57 -10.32 13.46
CA ALA A 154 23.44 -11.54 12.70
C ALA A 154 22.16 -11.47 11.87
N GLY A 155 22.26 -11.91 10.62
CA GLY A 155 21.14 -11.89 9.70
C GLY A 155 20.99 -10.55 9.00
N ASN A 156 20.27 -10.58 7.89
CA ASN A 156 20.09 -9.38 7.07
C ASN A 156 19.22 -8.36 7.80
N GLN A 157 19.29 -7.11 7.34
CA GLN A 157 18.51 -6.03 7.96
C GLN A 157 17.02 -6.36 7.90
N GLY A 158 16.33 -6.18 9.02
CA GLY A 158 14.91 -6.42 9.07
C GLY A 158 14.53 -7.91 9.12
N GLU A 159 15.53 -8.80 9.16
CA GLU A 159 15.26 -10.24 9.23
C GLU A 159 15.12 -10.66 10.70
N SER A 160 14.69 -11.92 10.90
CA SER A 160 14.41 -12.45 12.23
C SER A 160 15.65 -12.36 13.13
N LEU A 161 16.80 -12.76 12.60
CA LEU A 161 18.03 -12.70 13.38
C LEU A 161 18.37 -11.27 13.76
N ALA A 162 18.18 -10.32 12.82
CA ALA A 162 18.46 -8.92 13.09
C ALA A 162 17.58 -8.40 14.21
N ASN A 163 16.28 -8.74 14.17
CA ASN A 163 15.36 -8.30 15.20
C ASN A 163 15.70 -8.90 16.56
N GLU A 164 16.08 -10.18 16.57
CA GLU A 164 16.49 -10.82 17.80
C GLU A 164 17.74 -10.15 18.37
N SER A 165 18.69 -9.81 17.50
CA SER A 165 19.90 -9.12 17.95
C SER A 165 19.58 -7.73 18.50
N VAL A 166 18.66 -7.02 17.85
CA VAL A 166 18.26 -5.71 18.34
C VAL A 166 17.62 -5.82 19.73
N GLU A 167 16.75 -6.81 19.91
CA GLU A 167 16.12 -7.02 21.19
C GLU A 167 17.16 -7.37 22.26
N ALA A 168 18.14 -8.21 21.89
CA ALA A 168 19.20 -8.57 22.82
C ALA A 168 20.03 -7.35 23.22
N VAL A 169 20.33 -6.49 22.27
CA VAL A 169 21.09 -5.28 22.58
C VAL A 169 20.29 -4.37 23.51
N LYS A 170 18.99 -4.21 23.24
CA LYS A 170 18.15 -3.40 24.10
C LYS A 170 18.07 -3.97 25.52
N THR A 171 17.91 -5.28 25.64
CA THR A 171 17.85 -5.90 26.96
C THR A 171 19.18 -5.73 27.71
N ILE A 172 20.30 -5.87 26.99
CA ILE A 172 21.60 -5.67 27.60
C ILE A 172 21.73 -4.22 28.09
N VAL A 173 21.28 -3.26 27.27
CA VAL A 173 21.35 -1.85 27.64
C VAL A 173 20.53 -1.59 28.90
N GLU A 174 19.31 -2.12 28.94
CA GLU A 174 18.43 -1.86 30.07
C GLU A 174 18.88 -2.60 31.33
N ARG A 175 19.59 -3.72 31.17
CA ARG A 175 20.06 -4.46 32.33
C ARG A 175 21.04 -3.64 33.16
N LEU A 176 21.97 -2.95 32.49
CA LEU A 176 22.94 -2.13 33.20
C LEU A 176 22.30 -0.83 33.67
N ALA A 177 22.82 -0.30 34.78
CA ALA A 177 22.34 0.96 35.32
C ALA A 177 23.07 2.12 34.67
N PRO A 178 22.39 2.99 33.90
CA PRO A 178 23.05 4.13 33.28
C PRO A 178 23.67 5.05 34.33
N PRO A 179 24.83 5.66 34.04
CA PRO A 179 25.37 6.66 34.94
C PRO A 179 24.41 7.82 35.09
N PRO A 180 24.46 8.53 36.23
CA PRO A 180 23.57 9.68 36.42
C PRO A 180 23.83 10.76 35.39
N GLY A 181 22.74 11.35 34.88
CA GLY A 181 22.83 12.46 33.95
C GLY A 181 23.00 12.04 32.48
N VAL A 182 23.04 10.74 32.19
CA VAL A 182 23.17 10.26 30.83
C VAL A 182 22.17 9.12 30.60
N LYS A 183 21.50 9.14 29.46
CA LYS A 183 20.54 8.12 29.09
C LYS A 183 20.97 7.48 27.76
N VAL A 184 20.47 6.26 27.52
CA VAL A 184 20.92 5.45 26.40
C VAL A 184 19.73 5.07 25.55
N TYR A 185 19.88 5.22 24.23
CA TYR A 185 18.88 4.76 23.26
C TYR A 185 19.60 3.98 22.17
N VAL A 186 18.81 3.33 21.30
CA VAL A 186 19.33 2.52 20.22
C VAL A 186 18.91 3.12 18.88
N THR A 187 19.88 3.43 18.02
CA THR A 187 19.65 4.03 16.71
C THR A 187 20.20 3.10 15.63
N GLY A 188 20.22 3.59 14.39
CA GLY A 188 20.72 2.85 13.27
C GLY A 188 19.58 2.41 12.35
N SER A 189 19.95 1.97 11.13
CA SER A 189 18.95 1.56 10.16
C SER A 189 18.34 0.23 10.55
N ALA A 190 19.17 -0.75 10.93
CA ALA A 190 18.65 -2.05 11.38
C ALA A 190 17.78 -1.88 12.62
N ALA A 191 18.25 -1.08 13.58
CA ALA A 191 17.43 -0.76 14.74
C ALA A 191 16.17 -0.01 14.33
N LEU A 192 16.27 0.81 13.28
CA LEU A 192 15.11 1.58 12.83
C LEU A 192 14.03 0.65 12.31
N VAL A 193 14.41 -0.33 11.49
CA VAL A 193 13.42 -1.29 10.98
C VAL A 193 12.92 -2.20 12.10
N ALA A 194 13.79 -2.55 13.04
CA ALA A 194 13.36 -3.36 14.19
C ALA A 194 12.30 -2.64 15.00
N ASP A 195 12.56 -1.37 15.32
CA ASP A 195 11.59 -0.56 16.07
C ASP A 195 10.35 -0.26 15.23
N GLN A 196 10.52 -0.20 13.91
CA GLN A 196 9.39 -0.08 13.01
C GLN A 196 8.47 -1.30 13.11
N GLN A 197 9.04 -2.50 13.15
CA GLN A 197 8.26 -3.70 13.35
C GLN A 197 7.62 -3.73 14.73
N GLN A 198 8.36 -3.27 15.74
CA GLN A 198 7.79 -3.18 17.09
C GLN A 198 6.57 -2.26 17.10
N ALA A 199 6.69 -1.08 16.49
CA ALA A 199 5.59 -0.15 16.41
C ALA A 199 4.41 -0.71 15.61
N GLY A 200 4.70 -1.41 14.51
CA GLY A 200 3.66 -2.03 13.72
C GLY A 200 2.88 -3.05 14.53
N ASP A 201 3.60 -3.92 15.24
CA ASP A 201 2.94 -4.93 16.06
C ASP A 201 2.14 -4.30 17.19
N ARG A 202 2.71 -3.26 17.82
CA ARG A 202 2.04 -2.60 18.93
C ARG A 202 0.76 -1.92 18.47
N SER A 203 0.81 -1.24 17.32
CA SER A 203 -0.32 -0.49 16.82
C SER A 203 -1.31 -1.36 16.04
N LEU A 204 -0.97 -2.64 15.78
CA LEU A 204 -1.90 -3.52 15.10
C LEU A 204 -3.22 -3.62 15.87
N GLN A 205 -3.15 -3.79 17.20
CA GLN A 205 -4.35 -3.94 18.00
C GLN A 205 -5.18 -2.66 18.02
N VAL A 206 -4.52 -1.50 18.13
CA VAL A 206 -5.26 -0.25 18.18
C VAL A 206 -5.92 0.03 16.83
N ILE A 207 -5.24 -0.32 15.73
CA ILE A 207 -5.85 -0.18 14.42
C ILE A 207 -7.05 -1.11 14.29
N GLU A 208 -6.92 -2.33 14.81
CA GLU A 208 -8.05 -3.26 14.80
C GLU A 208 -9.24 -2.65 15.53
N ALA A 209 -9.02 -2.10 16.73
CA ALA A 209 -10.11 -1.55 17.51
C ALA A 209 -10.75 -0.34 16.81
N VAL A 210 -9.91 0.56 16.28
CA VAL A 210 -10.43 1.76 15.65
C VAL A 210 -11.22 1.40 14.39
N THR A 211 -10.74 0.42 13.62
CA THR A 211 -11.48 -0.01 12.45
C THR A 211 -12.81 -0.66 12.87
N PHE A 212 -12.80 -1.44 13.96
CA PHE A 212 -14.02 -2.09 14.41
C PHE A 212 -15.07 -1.08 14.87
N THR A 213 -14.64 0.01 15.50
CA THR A 213 -15.63 1.02 15.87
C THR A 213 -16.06 1.84 14.65
N VAL A 214 -15.16 2.07 13.69
CA VAL A 214 -15.54 2.78 12.47
C VAL A 214 -16.58 1.99 11.68
N ILE A 215 -16.37 0.67 11.53
CA ILE A 215 -17.36 -0.16 10.85
C ILE A 215 -18.67 -0.16 11.64
N ILE A 216 -18.59 -0.13 12.97
CA ILE A 216 -19.80 -0.10 13.78
C ILE A 216 -20.59 1.18 13.51
N VAL A 217 -19.90 2.33 13.55
CA VAL A 217 -20.59 3.60 13.40
C VAL A 217 -21.16 3.74 11.99
N MET A 218 -20.51 3.18 10.96
CA MET A 218 -21.09 3.29 9.64
C MET A 218 -22.23 2.29 9.41
N LEU A 219 -22.15 1.10 10.00
CA LEU A 219 -23.28 0.17 9.87
C LEU A 219 -24.49 0.65 10.65
N LEU A 220 -24.28 1.34 11.78
CA LEU A 220 -25.39 1.93 12.51
C LEU A 220 -26.17 2.90 11.64
N LEU A 221 -25.50 3.50 10.64
CA LEU A 221 -26.11 4.48 9.76
C LEU A 221 -26.68 3.86 8.49
N VAL A 222 -26.00 2.84 7.94
CA VAL A 222 -26.42 2.24 6.67
C VAL A 222 -27.36 1.06 6.85
N TYR A 223 -27.52 0.56 8.08
CA TYR A 223 -28.35 -0.62 8.33
C TYR A 223 -29.31 -0.45 9.50
N ARG A 224 -29.17 0.62 10.30
CA ARG A 224 -30.13 0.97 11.35
C ARG A 224 -30.19 -0.11 12.44
N SER A 225 -29.04 -0.68 12.77
CA SER A 225 -28.96 -1.69 13.83
C SER A 225 -27.54 -1.76 14.38
N ILE A 226 -27.42 -2.21 15.63
CA ILE A 226 -26.14 -2.36 16.30
C ILE A 226 -25.67 -3.81 16.28
N ILE A 227 -26.61 -4.75 16.44
CA ILE A 227 -26.26 -6.16 16.36
C ILE A 227 -25.81 -6.53 14.95
N THR A 228 -26.41 -5.90 13.93
CA THR A 228 -25.99 -6.15 12.55
C THR A 228 -24.51 -5.81 12.35
N SER A 229 -23.97 -4.91 13.16
CA SER A 229 -22.55 -4.60 13.10
C SER A 229 -21.75 -5.46 14.08
N ALA A 230 -22.39 -5.94 15.16
CA ALA A 230 -21.71 -6.87 16.06
C ALA A 230 -21.40 -8.18 15.32
N ILE A 231 -22.34 -8.68 14.52
CA ILE A 231 -22.12 -9.89 13.74
C ILE A 231 -21.01 -9.66 12.71
N MET A 232 -20.96 -8.46 12.13
CA MET A 232 -19.91 -8.14 11.18
C MET A 232 -18.56 -8.08 11.90
N LEU A 233 -18.55 -7.54 13.12
CA LEU A 233 -17.34 -7.52 13.92
C LEU A 233 -16.84 -8.94 14.18
N THR A 234 -17.76 -9.84 14.54
CA THR A 234 -17.41 -11.23 14.77
C THR A 234 -16.84 -11.85 13.48
N MET A 235 -17.49 -11.62 12.36
CA MET A 235 -17.05 -12.18 11.10
C MET A 235 -15.67 -11.64 10.71
N VAL A 236 -15.46 -10.34 10.86
CA VAL A 236 -14.21 -9.72 10.47
C VAL A 236 -13.08 -10.22 11.36
N VAL A 237 -13.31 -10.30 12.67
CA VAL A 237 -12.27 -10.75 13.57
C VAL A 237 -11.98 -12.25 13.33
N LEU A 238 -13.01 -13.05 13.03
CA LEU A 238 -12.79 -14.45 12.73
C LEU A 238 -11.96 -14.61 11.47
N GLY A 239 -12.28 -13.85 10.42
CA GLY A 239 -11.51 -13.90 9.18
C GLY A 239 -10.08 -13.43 9.39
N LEU A 240 -9.90 -12.39 10.19
CA LEU A 240 -8.57 -11.89 10.51
C LEU A 240 -7.77 -12.95 11.26
N LEU A 241 -8.39 -13.63 12.23
CA LEU A 241 -7.71 -14.67 12.96
C LEU A 241 -7.39 -15.86 12.05
N ALA A 242 -8.30 -16.18 11.12
CA ALA A 242 -8.07 -17.30 10.20
C ALA A 242 -6.88 -17.00 9.30
N THR A 243 -6.86 -15.83 8.68
CA THR A 243 -5.73 -15.46 7.83
C THR A 243 -4.45 -15.35 8.64
N ARG A 244 -4.54 -14.86 9.87
CA ARG A 244 -3.38 -14.80 10.74
C ARG A 244 -2.81 -16.20 11.00
N GLY A 245 -3.69 -17.15 11.32
CA GLY A 245 -3.25 -18.51 11.54
C GLY A 245 -2.65 -19.16 10.29
N GLY A 246 -3.28 -18.93 9.13
CA GLY A 246 -2.75 -19.47 7.89
C GLY A 246 -1.36 -18.93 7.55
N VAL A 247 -1.19 -17.61 7.66
CA VAL A 247 0.08 -17.01 7.37
C VAL A 247 1.11 -17.45 8.40
N ALA A 248 0.68 -17.59 9.66
CA ALA A 248 1.58 -18.05 10.71
C ALA A 248 2.07 -19.46 10.42
N PHE A 249 1.17 -20.35 9.99
CA PHE A 249 1.57 -21.71 9.66
C PHE A 249 2.56 -21.71 8.49
N LEU A 250 2.28 -20.90 7.47
CA LEU A 250 3.11 -20.94 6.26
C LEU A 250 4.46 -20.30 6.50
N GLY A 251 4.56 -19.34 7.42
CA GLY A 251 5.83 -18.70 7.73
C GLY A 251 6.58 -19.36 8.89
N PHE A 252 5.90 -20.21 9.66
CA PHE A 252 6.55 -20.90 10.77
C PHE A 252 7.42 -22.05 10.29
N HIS A 253 7.01 -22.71 9.18
CA HIS A 253 7.76 -23.82 8.63
C HIS A 253 8.75 -23.37 7.55
N ARG A 254 9.09 -22.07 7.53
CA ARG A 254 10.12 -21.51 6.66
C ARG A 254 9.73 -21.55 5.19
N ILE A 255 8.44 -21.76 4.87
CA ILE A 255 8.02 -21.84 3.48
C ILE A 255 8.14 -20.48 2.80
N ILE A 256 7.65 -19.43 3.46
CA ILE A 256 7.64 -18.08 2.93
C ILE A 256 8.28 -17.13 3.94
N GLY A 257 8.30 -15.85 3.60
CA GLY A 257 8.84 -14.83 4.48
C GLY A 257 7.83 -13.70 4.68
N LEU A 258 8.11 -12.84 5.66
CA LEU A 258 7.25 -11.73 6.01
C LEU A 258 8.12 -10.52 6.33
N SER A 259 7.48 -9.40 6.63
CA SER A 259 8.16 -8.20 7.05
C SER A 259 7.18 -7.36 7.89
N THR A 260 7.65 -6.21 8.36
CA THR A 260 6.79 -5.32 9.13
C THR A 260 5.70 -4.71 8.24
N PHE A 261 6.08 -4.17 7.10
CA PHE A 261 5.10 -3.60 6.16
C PHE A 261 4.16 -4.69 5.66
N ALA A 262 4.72 -5.86 5.32
CA ALA A 262 3.89 -6.96 4.85
C ALA A 262 2.87 -7.32 5.91
N THR A 263 3.32 -7.45 7.17
CA THR A 263 2.42 -7.87 8.25
C THR A 263 1.32 -6.83 8.51
N ASN A 264 1.70 -5.57 8.68
CA ASN A 264 0.72 -4.54 9.00
C ASN A 264 -0.25 -4.30 7.85
N LEU A 265 0.26 -4.25 6.61
CA LEU A 265 -0.60 -4.10 5.46
C LEU A 265 -1.50 -5.32 5.28
N LEU A 266 -0.96 -6.52 5.48
CA LEU A 266 -1.77 -7.73 5.40
C LEU A 266 -2.92 -7.64 6.38
N VAL A 267 -2.63 -7.31 7.64
CA VAL A 267 -3.65 -7.31 8.68
C VAL A 267 -4.71 -6.26 8.36
N VAL A 268 -4.29 -5.03 8.11
CA VAL A 268 -5.25 -3.95 7.95
C VAL A 268 -6.02 -4.05 6.63
N LEU A 269 -5.32 -4.39 5.55
CA LEU A 269 -5.98 -4.65 4.27
C LEU A 269 -6.91 -5.86 4.36
N ALA A 270 -6.57 -6.86 5.18
CA ALA A 270 -7.44 -7.98 5.39
C ALA A 270 -8.71 -7.53 6.09
N ILE A 271 -8.57 -6.70 7.13
CA ILE A 271 -9.74 -6.16 7.82
C ILE A 271 -10.59 -5.36 6.84
N ALA A 272 -9.96 -4.47 6.08
CA ALA A 272 -10.69 -3.62 5.11
C ALA A 272 -11.36 -4.42 4.00
N ALA A 273 -10.66 -5.42 3.48
CA ALA A 273 -11.20 -6.23 2.39
C ALA A 273 -12.25 -7.17 2.89
N ALA A 274 -12.09 -7.71 4.11
CA ALA A 274 -13.11 -8.56 4.68
C ALA A 274 -14.38 -7.75 4.99
N THR A 275 -14.22 -6.55 5.52
CA THR A 275 -15.40 -5.74 5.81
C THR A 275 -16.02 -5.22 4.53
N ASP A 276 -15.24 -5.00 3.47
CA ASP A 276 -15.82 -4.59 2.19
C ASP A 276 -16.51 -5.74 1.49
N TYR A 277 -15.94 -6.95 1.58
CA TYR A 277 -16.63 -8.13 1.05
C TYR A 277 -17.91 -8.33 1.79
N ALA A 278 -17.90 -8.15 3.12
CA ALA A 278 -19.13 -8.24 3.91
C ALA A 278 -20.10 -7.13 3.52
N ILE A 279 -19.59 -5.93 3.26
CA ILE A 279 -20.46 -4.84 2.83
C ILE A 279 -21.17 -5.18 1.52
N PHE A 280 -20.40 -5.68 0.54
CA PHE A 280 -21.00 -6.12 -0.70
C PHE A 280 -22.02 -7.23 -0.46
N LEU A 281 -21.64 -8.24 0.33
CA LEU A 281 -22.49 -9.39 0.56
C LEU A 281 -23.81 -8.96 1.21
N ILE A 282 -23.76 -8.41 2.42
CA ILE A 282 -24.99 -8.07 3.12
C ILE A 282 -25.64 -6.80 2.59
N GLY A 283 -24.99 -6.09 1.67
CA GLY A 283 -25.64 -4.97 1.02
C GLY A 283 -26.50 -5.45 -0.15
N ARG A 284 -26.00 -6.44 -0.89
CA ARG A 284 -26.86 -7.12 -1.84
C ARG A 284 -27.95 -7.90 -1.09
N TYR A 285 -27.64 -8.37 0.11
CA TYR A 285 -28.67 -8.95 0.99
C TYR A 285 -29.73 -7.90 1.38
N GLN A 286 -29.29 -6.70 1.71
CA GLN A 286 -30.21 -5.61 2.01
C GLN A 286 -31.07 -5.27 0.80
N GLU A 287 -30.45 -5.22 -0.38
CA GLU A 287 -31.19 -4.96 -1.61
C GLU A 287 -32.23 -6.05 -1.85
N ALA A 288 -31.85 -7.32 -1.60
CA ALA A 288 -32.78 -8.41 -1.75
C ALA A 288 -33.97 -8.27 -0.78
N ARG A 289 -33.67 -7.93 0.48
CA ARG A 289 -34.72 -7.73 1.47
C ARG A 289 -35.66 -6.59 1.04
N GLY A 290 -35.09 -5.50 0.53
CA GLY A 290 -35.90 -4.42 -0.01
C GLY A 290 -36.76 -4.86 -1.19
N LEU A 291 -36.25 -5.80 -1.99
CA LEU A 291 -36.96 -6.31 -3.15
C LEU A 291 -37.91 -7.46 -2.78
N GLY A 292 -37.95 -7.86 -1.51
CA GLY A 292 -38.90 -8.86 -1.05
C GLY A 292 -38.32 -10.26 -0.93
N GLN A 293 -37.08 -10.47 -1.36
CA GLN A 293 -36.47 -11.78 -1.28
C GLN A 293 -36.31 -12.19 0.19
N ASP A 294 -36.52 -13.48 0.45
CA ASP A 294 -36.41 -14.02 1.80
C ASP A 294 -34.93 -14.25 2.12
N ARG A 295 -34.65 -14.93 3.23
CA ARG A 295 -33.27 -15.17 3.63
C ARG A 295 -32.59 -16.15 2.68
N GLU A 296 -33.26 -17.28 2.42
CA GLU A 296 -32.66 -18.36 1.64
C GLU A 296 -32.46 -17.94 0.18
N SER A 297 -33.32 -17.07 -0.35
CA SER A 297 -33.13 -16.56 -1.71
C SER A 297 -32.15 -15.38 -1.75
N ALA A 298 -32.16 -14.55 -0.71
CA ALA A 298 -31.19 -13.46 -0.64
C ALA A 298 -29.78 -14.01 -0.60
N TYR A 299 -29.58 -15.11 0.12
CA TYR A 299 -28.26 -15.74 0.19
C TYR A 299 -27.77 -16.12 -1.21
N TYR A 300 -28.60 -16.85 -1.98
CA TYR A 300 -28.17 -17.36 -3.27
C TYR A 300 -28.04 -16.24 -4.30
N THR A 301 -28.93 -15.24 -4.28
CA THR A 301 -28.77 -14.11 -5.19
C THR A 301 -27.54 -13.29 -4.84
N MET A 302 -27.26 -13.12 -3.55
CA MET A 302 -26.04 -12.45 -3.12
C MET A 302 -24.82 -13.18 -3.65
N PHE A 303 -24.81 -14.51 -3.50
CA PHE A 303 -23.71 -15.31 -4.03
C PHE A 303 -23.58 -15.08 -5.54
N GLY A 304 -24.60 -15.48 -6.31
CA GLY A 304 -24.54 -15.38 -7.75
C GLY A 304 -24.18 -13.99 -8.27
N GLY A 305 -24.49 -12.96 -7.49
CA GLY A 305 -24.20 -11.60 -7.89
C GLY A 305 -22.77 -11.16 -7.56
N THR A 306 -22.37 -11.26 -6.29
CA THR A 306 -21.14 -10.64 -5.88
C THR A 306 -20.05 -11.63 -5.48
N ALA A 307 -20.35 -12.93 -5.34
CA ALA A 307 -19.31 -13.89 -4.99
C ALA A 307 -18.27 -14.02 -6.10
N HIS A 308 -18.74 -14.04 -7.36
CA HIS A 308 -17.81 -14.10 -8.49
C HIS A 308 -16.99 -12.80 -8.60
N VAL A 309 -17.62 -11.67 -8.34
CA VAL A 309 -16.91 -10.39 -8.34
C VAL A 309 -15.85 -10.38 -7.25
N VAL A 310 -16.21 -10.89 -6.06
CA VAL A 310 -15.27 -10.95 -4.95
C VAL A 310 -14.11 -11.89 -5.29
N LEU A 311 -14.42 -13.04 -5.92
CA LEU A 311 -13.38 -13.95 -6.34
C LEU A 311 -12.42 -13.29 -7.31
N GLY A 312 -12.98 -12.60 -8.32
CA GLY A 312 -12.17 -11.94 -9.33
C GLY A 312 -11.29 -10.86 -8.71
N SER A 313 -11.86 -10.08 -7.81
CA SER A 313 -11.12 -8.97 -7.20
C SER A 313 -10.08 -9.46 -6.20
N GLY A 314 -10.39 -10.51 -5.44
CA GLY A 314 -9.40 -11.14 -4.59
C GLY A 314 -8.26 -11.75 -5.39
N LEU A 315 -8.59 -12.40 -6.51
CA LEU A 315 -7.56 -12.93 -7.38
C LEU A 315 -6.72 -11.81 -7.98
N THR A 316 -7.34 -10.67 -8.26
CA THR A 316 -6.59 -9.52 -8.76
C THR A 316 -5.63 -8.99 -7.71
N ILE A 317 -6.15 -8.75 -6.49
CA ILE A 317 -5.32 -8.24 -5.41
C ILE A 317 -4.22 -9.25 -5.06
N ALA A 318 -4.44 -10.53 -5.33
CA ALA A 318 -3.42 -11.54 -5.07
C ALA A 318 -2.40 -11.63 -6.20
N GLY A 319 -2.89 -11.67 -7.44
CA GLY A 319 -2.01 -11.81 -8.59
C GLY A 319 -1.12 -10.59 -8.79
N ALA A 320 -1.69 -9.39 -8.67
CA ALA A 320 -0.88 -8.18 -8.81
C ALA A 320 0.22 -8.14 -7.75
N THR A 321 -0.13 -8.42 -6.49
CA THR A 321 0.86 -8.45 -5.43
C THR A 321 1.94 -9.51 -5.72
N PHE A 322 1.53 -10.74 -6.01
CA PHE A 322 2.48 -11.81 -6.27
C PHE A 322 3.38 -11.48 -7.45
N CYS A 323 2.83 -10.80 -8.46
CA CYS A 323 3.57 -10.52 -9.68
C CYS A 323 4.28 -9.19 -9.63
N LEU A 324 4.25 -8.49 -8.48
CA LEU A 324 5.31 -7.52 -8.24
C LEU A 324 6.62 -8.22 -8.59
N SER A 325 7.29 -7.72 -9.64
CA SER A 325 8.28 -8.50 -10.37
C SER A 325 9.40 -8.98 -9.45
N PHE A 326 10.24 -9.86 -10.01
CA PHE A 326 11.36 -10.39 -9.24
C PHE A 326 12.35 -9.24 -9.04
N THR A 327 12.17 -8.53 -7.91
CA THR A 327 12.86 -7.29 -7.66
C THR A 327 14.05 -7.55 -6.74
N ARG A 328 14.97 -6.59 -6.70
CA ARG A 328 16.17 -6.71 -5.89
C ARG A 328 15.83 -7.00 -4.42
N LEU A 329 14.68 -6.50 -3.96
CA LEU A 329 14.36 -6.63 -2.55
C LEU A 329 13.24 -7.63 -2.30
N PRO A 330 13.31 -8.36 -1.18
CA PRO A 330 12.13 -9.07 -0.70
C PRO A 330 10.97 -8.16 -0.33
N TYR A 331 11.21 -6.88 -0.06
CA TYR A 331 10.11 -5.95 0.21
C TYR A 331 9.15 -5.84 -0.97
N PHE A 332 9.46 -6.48 -2.12
CA PHE A 332 8.52 -6.63 -3.20
C PHE A 332 8.15 -8.09 -3.44
N GLN A 333 9.15 -8.96 -3.64
CA GLN A 333 8.88 -10.37 -3.90
C GLN A 333 8.13 -11.01 -2.73
N THR A 334 8.70 -10.91 -1.53
CA THR A 334 8.12 -11.48 -0.33
C THR A 334 7.25 -10.47 0.42
N LEU A 335 6.92 -9.36 -0.22
CA LEU A 335 5.76 -8.56 0.18
C LEU A 335 4.54 -8.90 -0.69
N GLY A 336 4.76 -9.54 -1.83
CA GLY A 336 3.67 -9.91 -2.70
C GLY A 336 3.30 -11.39 -2.66
N VAL A 337 4.27 -12.26 -2.31
CA VAL A 337 3.97 -13.67 -2.18
C VAL A 337 3.12 -13.92 -0.93
N PRO A 338 3.57 -13.53 0.29
CA PRO A 338 2.71 -13.72 1.46
C PRO A 338 1.45 -12.89 1.41
N LEU A 339 1.49 -11.69 0.81
CA LEU A 339 0.26 -10.92 0.62
C LEU A 339 -0.70 -11.66 -0.32
N ALA A 340 -0.18 -12.28 -1.38
CA ALA A 340 -1.04 -13.01 -2.29
C ALA A 340 -1.64 -14.22 -1.58
N ILE A 341 -0.84 -14.95 -0.80
CA ILE A 341 -1.36 -16.12 -0.09
C ILE A 341 -2.39 -15.70 0.95
N GLY A 342 -2.09 -14.60 1.68
CA GLY A 342 -3.02 -14.06 2.67
C GLY A 342 -4.32 -13.60 2.02
N MET A 343 -4.23 -13.00 0.84
CA MET A 343 -5.42 -12.56 0.13
C MET A 343 -6.21 -13.75 -0.39
N VAL A 344 -5.53 -14.82 -0.80
CA VAL A 344 -6.23 -16.04 -1.17
C VAL A 344 -6.94 -16.62 0.05
N ILE A 345 -6.28 -16.63 1.20
CA ILE A 345 -6.91 -17.10 2.42
C ILE A 345 -8.10 -16.21 2.80
N VAL A 346 -7.97 -14.90 2.60
CA VAL A 346 -9.04 -13.97 2.96
C VAL A 346 -10.22 -14.12 2.01
N VAL A 347 -9.95 -14.32 0.71
CA VAL A 347 -11.06 -14.51 -0.24
C VAL A 347 -11.72 -15.87 -0.03
N ALA A 348 -10.94 -16.90 0.31
CA ALA A 348 -11.50 -18.19 0.69
C ALA A 348 -12.37 -18.06 1.95
N ALA A 349 -11.85 -17.32 2.94
CA ALA A 349 -12.59 -17.05 4.17
C ALA A 349 -13.89 -16.33 3.86
N ALA A 350 -13.81 -15.32 2.98
CA ALA A 350 -15.02 -14.64 2.52
C ALA A 350 -15.97 -15.69 1.97
N LEU A 351 -15.59 -16.31 0.85
CA LEU A 351 -16.50 -17.13 0.05
C LEU A 351 -17.08 -18.30 0.85
N THR A 352 -16.39 -18.76 1.90
CA THR A 352 -16.86 -19.92 2.66
C THR A 352 -17.46 -19.51 4.01
N LEU A 353 -16.68 -18.82 4.85
CA LEU A 353 -17.14 -18.49 6.20
C LEU A 353 -18.19 -17.40 6.17
N GLY A 354 -18.06 -16.39 5.30
CA GLY A 354 -18.99 -15.29 5.26
C GLY A 354 -20.40 -15.77 4.94
N PRO A 355 -20.60 -16.51 3.84
CA PRO A 355 -21.90 -17.09 3.56
C PRO A 355 -22.41 -17.99 4.68
N ALA A 356 -21.53 -18.79 5.27
CA ALA A 356 -21.96 -19.73 6.31
C ALA A 356 -22.35 -18.98 7.58
N ILE A 357 -21.50 -18.05 8.02
CA ILE A 357 -21.79 -17.26 9.22
C ILE A 357 -23.05 -16.44 8.99
N ILE A 358 -23.24 -15.93 7.77
CA ILE A 358 -24.46 -15.21 7.45
C ILE A 358 -25.67 -16.14 7.57
N ALA A 359 -25.59 -17.31 6.95
CA ALA A 359 -26.71 -18.24 6.98
C ALA A 359 -27.08 -18.66 8.41
N VAL A 360 -26.07 -18.77 9.28
CA VAL A 360 -26.32 -19.26 10.62
C VAL A 360 -26.75 -18.13 11.57
N THR A 361 -26.26 -16.90 11.33
CA THR A 361 -26.50 -15.78 12.23
C THR A 361 -27.71 -14.95 11.81
N SER A 362 -27.77 -14.55 10.54
CA SER A 362 -28.92 -13.83 10.04
C SER A 362 -30.04 -14.81 9.70
N ARG A 363 -30.35 -15.71 10.65
CA ARG A 363 -31.54 -16.53 10.59
C ARG A 363 -32.50 -16.19 11.73
N PHE A 364 -32.17 -15.14 12.50
CA PHE A 364 -33.00 -14.68 13.60
C PHE A 364 -33.60 -13.32 13.24
N GLY A 365 -34.87 -13.14 13.55
CA GLY A 365 -35.58 -11.92 13.17
C GLY A 365 -35.02 -10.69 13.89
N LYS A 366 -35.29 -9.53 13.29
CA LYS A 366 -34.91 -8.23 13.86
C LYS A 366 -33.39 -8.14 14.04
N LEU A 367 -32.65 -8.51 12.99
CA LEU A 367 -31.20 -8.40 13.04
C LEU A 367 -30.68 -7.60 11.84
N LEU A 368 -31.39 -7.68 10.70
CA LEU A 368 -31.12 -6.85 9.55
C LEU A 368 -32.31 -5.95 9.25
N GLU A 369 -32.02 -4.77 8.69
CA GLU A 369 -33.06 -3.81 8.32
C GLU A 369 -32.51 -2.90 7.24
N PRO A 370 -33.28 -2.64 6.16
CA PRO A 370 -32.79 -1.78 5.08
C PRO A 370 -33.13 -0.30 5.27
N LYS A 371 -32.18 0.55 4.87
CA LYS A 371 -32.38 1.99 4.81
C LYS A 371 -32.10 2.44 3.37
N ARG A 372 -33.18 2.71 2.61
CA ARG A 372 -33.07 2.91 1.17
C ARG A 372 -33.69 4.24 0.72
N MET A 373 -34.16 5.07 1.65
CA MET A 373 -34.97 6.22 1.30
C MET A 373 -34.14 7.27 0.53
N ALA A 374 -33.11 7.82 1.18
CA ALA A 374 -32.45 9.03 0.70
C ALA A 374 -31.13 8.75 -0.04
N ARG A 375 -30.85 7.49 -0.38
CA ARG A 375 -29.62 7.15 -1.05
C ARG A 375 -29.82 6.53 -2.44
N VAL A 376 -30.98 5.96 -2.74
CA VAL A 376 -31.21 5.37 -4.06
C VAL A 376 -31.60 6.43 -5.09
N ARG A 377 -32.12 7.58 -4.65
CA ARG A 377 -32.54 8.62 -5.57
C ARG A 377 -31.37 9.55 -5.95
N GLY A 378 -30.46 9.82 -5.04
CA GLY A 378 -29.36 10.70 -5.38
C GLY A 378 -28.26 10.03 -6.20
N TRP A 379 -28.35 8.71 -6.37
CA TRP A 379 -27.45 8.00 -7.28
C TRP A 379 -28.11 7.68 -8.64
N ARG A 380 -29.43 7.77 -8.72
CA ARG A 380 -30.12 7.63 -9.98
C ARG A 380 -30.25 8.97 -10.70
N LYS A 381 -30.31 10.08 -9.96
CA LYS A 381 -30.36 11.40 -10.58
C LYS A 381 -29.00 11.81 -11.16
N VAL A 382 -27.92 11.53 -10.43
CA VAL A 382 -26.59 11.80 -10.96
C VAL A 382 -26.30 10.91 -12.17
N GLY A 383 -26.97 9.76 -12.26
CA GLY A 383 -26.81 8.90 -13.41
C GLY A 383 -27.42 9.48 -14.68
N ALA A 384 -28.40 10.38 -14.55
CA ALA A 384 -29.01 11.01 -15.71
C ALA A 384 -28.07 12.04 -16.34
N ALA A 385 -27.10 12.53 -15.59
CA ALA A 385 -26.11 13.47 -16.11
C ALA A 385 -24.93 12.78 -16.77
N ILE A 386 -25.11 11.52 -17.19
CA ILE A 386 -24.04 10.76 -17.82
C ILE A 386 -24.47 10.26 -19.21
N VAL A 387 -25.77 10.19 -19.50
CA VAL A 387 -26.23 9.57 -20.72
C VAL A 387 -26.88 10.58 -21.67
N ARG A 388 -27.50 11.65 -21.15
CA ARG A 388 -28.09 12.67 -22.01
C ARG A 388 -27.07 13.75 -22.37
N TRP A 389 -26.01 13.90 -21.56
CA TRP A 389 -24.89 14.75 -21.93
C TRP A 389 -23.60 13.98 -21.75
N PRO A 390 -23.40 12.88 -22.47
CA PRO A 390 -22.20 12.08 -22.25
C PRO A 390 -20.93 12.84 -22.57
N GLY A 391 -21.00 13.78 -23.51
CA GLY A 391 -19.83 14.55 -23.94
C GLY A 391 -19.34 15.48 -22.83
N PRO A 392 -20.14 16.49 -22.45
CA PRO A 392 -19.65 17.48 -21.50
C PRO A 392 -19.16 16.89 -20.18
N ILE A 393 -19.88 15.90 -19.63
CA ILE A 393 -19.47 15.33 -18.35
C ILE A 393 -18.22 14.48 -18.50
N LEU A 394 -18.10 13.75 -19.61
CA LEU A 394 -16.91 12.95 -19.85
C LEU A 394 -15.70 13.85 -19.94
N VAL A 395 -15.79 14.92 -20.72
CA VAL A 395 -14.66 15.82 -20.86
C VAL A 395 -14.39 16.54 -19.53
N GLY A 396 -15.43 16.82 -18.75
CA GLY A 396 -15.23 17.41 -17.43
C GLY A 396 -14.46 16.49 -16.48
N ALA A 397 -14.83 15.20 -16.47
CA ALA A 397 -14.14 14.23 -15.63
C ALA A 397 -12.70 14.06 -16.08
N VAL A 398 -12.48 14.00 -17.41
CA VAL A 398 -11.12 13.88 -17.91
C VAL A 398 -10.32 15.15 -17.59
N ALA A 399 -10.98 16.32 -17.61
CA ALA A 399 -10.32 17.56 -17.24
C ALA A 399 -9.93 17.56 -15.77
N LEU A 400 -10.79 17.03 -14.90
CA LEU A 400 -10.45 16.89 -13.49
C LEU A 400 -9.23 15.99 -13.33
N ALA A 401 -9.23 14.86 -14.05
CA ALA A 401 -8.09 13.95 -14.01
C ALA A 401 -6.80 14.65 -14.47
N LEU A 402 -6.89 15.42 -15.56
CA LEU A 402 -5.73 16.12 -16.08
C LEU A 402 -5.27 17.24 -15.14
N VAL A 403 -6.22 17.86 -14.43
CA VAL A 403 -5.88 18.84 -13.42
C VAL A 403 -5.08 18.15 -12.31
N GLY A 404 -5.50 16.94 -11.94
CA GLY A 404 -4.68 16.15 -11.04
C GLY A 404 -3.29 15.88 -11.62
N LEU A 405 -3.23 15.63 -12.93
CA LEU A 405 -1.95 15.44 -13.60
C LEU A 405 -1.13 16.73 -13.63
N LEU A 406 -1.74 17.89 -13.41
CA LEU A 406 -1.03 19.15 -13.57
C LEU A 406 0.09 19.33 -12.54
N THR A 407 0.03 18.59 -11.44
CA THR A 407 1.06 18.65 -10.42
C THR A 407 2.15 17.59 -10.63
N LEU A 408 2.01 16.72 -11.63
CA LEU A 408 3.09 15.80 -11.96
C LEU A 408 4.39 16.53 -12.28
N PRO A 409 4.41 17.67 -13.00
CA PRO A 409 5.64 18.44 -13.14
C PRO A 409 6.35 18.71 -11.81
N GLY A 410 5.58 18.87 -10.74
CA GLY A 410 6.14 19.12 -9.43
C GLY A 410 5.94 17.94 -8.48
N TYR A 411 6.09 16.72 -8.98
CA TYR A 411 5.95 15.53 -8.16
C TYR A 411 7.28 15.23 -7.49
N ARG A 412 7.24 14.80 -6.23
CA ARG A 412 8.43 14.49 -5.47
C ARG A 412 8.18 13.24 -4.64
N THR A 413 9.27 12.54 -4.32
CA THR A 413 9.24 11.37 -3.43
C THR A 413 10.41 11.46 -2.46
N ASN A 414 10.24 10.84 -1.29
CA ASN A 414 11.25 10.85 -0.25
C ASN A 414 11.37 9.44 0.32
N TYR A 415 12.57 8.87 0.27
CA TYR A 415 12.78 7.50 0.71
C TYR A 415 13.07 7.41 2.20
N ASN A 416 13.11 8.53 2.91
CA ASN A 416 13.40 8.53 4.34
C ASN A 416 12.26 7.84 5.11
N ASP A 417 12.63 7.22 6.24
CA ASP A 417 11.65 6.63 7.14
C ASP A 417 11.63 7.27 8.52
N ARG A 418 12.66 8.06 8.87
CA ARG A 418 12.66 8.75 10.15
C ARG A 418 11.49 9.74 10.22
N ASN A 419 11.24 10.48 9.14
CA ASN A 419 10.13 11.42 9.07
C ASN A 419 8.77 10.74 9.09
N TYR A 420 8.72 9.43 8.92
CA TYR A 420 7.45 8.71 8.83
C TYR A 420 7.20 7.85 10.08
N LEU A 421 7.72 8.29 11.24
CA LEU A 421 7.54 7.59 12.49
C LEU A 421 7.40 8.61 13.60
N PRO A 422 6.70 8.27 14.71
CA PRO A 422 6.61 9.17 15.85
C PRO A 422 7.93 9.29 16.58
N ALA A 423 8.07 10.42 17.29
CA ALA A 423 9.31 10.72 18.01
C ALA A 423 9.38 10.02 19.37
N ASP A 424 8.29 9.38 19.81
CA ASP A 424 8.28 8.72 21.12
C ASP A 424 8.97 7.35 21.10
N LEU A 425 9.16 6.76 19.92
CA LEU A 425 9.83 5.47 19.84
C LEU A 425 11.29 5.61 20.26
N PRO A 426 11.90 4.54 20.81
CA PRO A 426 13.31 4.61 21.17
C PRO A 426 14.24 4.94 20.01
N ALA A 427 13.97 4.40 18.83
CA ALA A 427 14.85 4.62 17.68
C ALA A 427 14.75 6.05 17.19
N ASN A 428 13.51 6.54 17.02
CA ASN A 428 13.30 7.90 16.55
C ASN A 428 13.75 8.91 17.61
N GLU A 429 13.57 8.59 18.89
CA GLU A 429 14.05 9.46 19.94
C GLU A 429 15.57 9.50 19.96
N GLY A 430 16.22 8.38 19.70
CA GLY A 430 17.67 8.39 19.55
C GLY A 430 18.13 9.20 18.36
N TYR A 431 17.37 9.14 17.24
CA TYR A 431 17.66 9.98 16.10
C TYR A 431 17.53 11.46 16.47
N ALA A 432 16.47 11.81 17.23
CA ALA A 432 16.30 13.18 17.65
C ALA A 432 17.46 13.62 18.55
N ALA A 433 17.87 12.75 19.46
CA ALA A 433 18.99 13.05 20.35
C ALA A 433 20.27 13.27 19.55
N ALA A 434 20.50 12.41 18.56
CA ALA A 434 21.68 12.53 17.72
C ALA A 434 21.63 13.84 16.93
N GLU A 435 20.45 14.18 16.39
CA GLU A 435 20.32 15.42 15.63
C GLU A 435 20.47 16.65 16.52
N ARG A 436 20.18 16.51 17.82
CA ARG A 436 20.36 17.63 18.73
C ARG A 436 21.80 18.12 18.75
N HIS A 437 22.76 17.19 18.62
CA HIS A 437 24.17 17.53 18.63
C HIS A 437 24.83 17.37 17.27
N PHE A 438 24.76 16.16 16.68
CA PHE A 438 25.18 15.96 15.31
C PHE A 438 24.27 16.76 14.37
N SER A 439 24.87 17.31 13.32
CA SER A 439 24.13 17.91 12.22
C SER A 439 24.63 17.27 10.93
N GLN A 440 24.14 16.06 10.64
CA GLN A 440 24.68 15.23 9.57
C GLN A 440 23.65 14.17 9.24
N ALA A 441 24.06 13.20 8.40
CA ALA A 441 23.32 11.97 8.19
C ALA A 441 24.14 10.81 8.74
N ARG A 442 24.68 10.98 9.96
CA ARG A 442 25.70 10.10 10.47
C ARG A 442 25.16 8.68 10.68
N MET A 443 23.92 8.56 11.15
CA MET A 443 23.37 7.26 11.50
C MET A 443 23.13 6.35 10.30
N ASN A 444 23.25 6.87 9.06
CA ASN A 444 23.02 6.09 7.86
C ASN A 444 24.25 6.20 6.96
N PRO A 445 25.26 5.33 7.16
CA PRO A 445 26.47 5.38 6.34
C PRO A 445 26.29 4.68 5.00
N GLU A 446 27.34 4.75 4.18
CA GLU A 446 27.36 4.14 2.86
C GLU A 446 28.76 3.61 2.59
N VAL A 447 28.85 2.39 2.06
CA VAL A 447 30.13 1.70 1.89
C VAL A 447 30.34 1.36 0.41
N LEU A 448 31.53 1.69 -0.11
CA LEU A 448 31.94 1.37 -1.46
C LEU A 448 33.16 0.45 -1.41
N MET A 449 33.22 -0.50 -2.35
CA MET A 449 34.33 -1.45 -2.39
C MET A 449 34.94 -1.51 -3.79
N VAL A 450 36.19 -1.97 -3.84
CA VAL A 450 36.93 -2.18 -5.08
C VAL A 450 37.80 -3.43 -4.88
N GLU A 451 37.46 -4.50 -5.60
CA GLU A 451 38.21 -5.75 -5.54
C GLU A 451 39.32 -5.74 -6.56
N SER A 452 40.55 -5.46 -6.11
CA SER A 452 41.71 -5.47 -7.00
C SER A 452 42.25 -6.88 -7.23
N ASP A 453 41.85 -7.85 -6.41
CA ASP A 453 42.29 -9.24 -6.53
C ASP A 453 43.81 -9.36 -6.35
N HIS A 454 44.41 -8.41 -5.63
CA HIS A 454 45.83 -8.45 -5.33
C HIS A 454 46.07 -7.62 -4.06
N ASP A 455 47.25 -7.80 -3.48
CA ASP A 455 47.61 -7.13 -2.24
C ASP A 455 47.62 -5.62 -2.44
N MET A 456 46.74 -4.92 -1.71
CA MET A 456 46.66 -3.46 -1.78
C MET A 456 47.32 -2.80 -0.57
N ARG A 457 48.44 -3.38 -0.10
CA ARG A 457 49.08 -2.95 1.14
C ARG A 457 50.46 -2.36 0.87
N ASN A 458 50.56 -1.53 -0.17
CA ASN A 458 51.78 -0.82 -0.49
C ASN A 458 51.49 0.68 -0.58
N SER A 459 52.56 1.48 -0.53
CA SER A 459 52.44 2.92 -0.43
C SER A 459 51.71 3.51 -1.63
N ALA A 460 52.05 3.04 -2.83
CA ALA A 460 51.44 3.58 -4.05
C ALA A 460 49.93 3.33 -4.07
N ASP A 461 49.52 2.14 -3.63
CA ASP A 461 48.10 1.82 -3.60
C ASP A 461 47.36 2.73 -2.63
N PHE A 462 47.95 3.01 -1.46
CA PHE A 462 47.35 3.93 -0.51
C PHE A 462 47.27 5.35 -1.09
N LEU A 463 48.31 5.76 -1.82
CA LEU A 463 48.30 7.08 -2.44
C LEU A 463 47.17 7.20 -3.46
N VAL A 464 46.96 6.15 -4.26
CA VAL A 464 45.97 6.22 -5.32
C VAL A 464 44.56 5.88 -4.83
N ILE A 465 44.43 5.27 -3.65
CA ILE A 465 43.12 4.84 -3.16
C ILE A 465 42.25 6.05 -2.78
N ASN A 466 42.87 7.13 -2.28
CA ASN A 466 42.12 8.33 -1.92
C ASN A 466 41.49 9.00 -3.13
N LYS A 467 41.89 8.63 -4.35
CA LYS A 467 41.30 9.20 -5.55
C LYS A 467 39.81 8.86 -5.63
N ILE A 468 39.46 7.62 -5.28
CA ILE A 468 38.05 7.21 -5.31
C ILE A 468 37.25 8.05 -4.30
N ALA A 469 37.79 8.22 -3.09
CA ALA A 469 37.10 8.99 -2.07
C ALA A 469 36.92 10.44 -2.51
N LYS A 470 37.96 11.03 -3.08
CA LYS A 470 37.87 12.41 -3.53
C LYS A 470 36.87 12.57 -4.67
N ALA A 471 36.88 11.61 -5.62
CA ALA A 471 35.93 11.65 -6.73
C ALA A 471 34.49 11.54 -6.21
N ILE A 472 34.26 10.67 -5.23
CA ILE A 472 32.93 10.59 -4.61
C ILE A 472 32.59 11.92 -3.94
N PHE A 473 33.59 12.54 -3.30
CA PHE A 473 33.37 13.79 -2.57
C PHE A 473 32.89 14.90 -3.51
N ALA A 474 33.39 14.92 -4.75
CA ALA A 474 33.07 15.99 -5.68
C ALA A 474 31.57 16.12 -5.89
N VAL A 475 30.84 15.02 -5.75
CA VAL A 475 29.40 15.05 -5.91
C VAL A 475 28.79 15.82 -4.75
N GLU A 476 27.74 16.60 -5.05
CA GLU A 476 27.11 17.42 -4.03
C GLU A 476 26.41 16.52 -2.99
N GLY A 477 26.53 16.90 -1.72
CA GLY A 477 25.86 16.19 -0.65
C GLY A 477 26.68 15.07 -0.02
N ILE A 478 27.98 14.99 -0.33
CA ILE A 478 28.85 13.97 0.23
C ILE A 478 30.03 14.66 0.90
N SER A 479 29.73 15.77 1.60
CA SER A 479 30.73 16.69 2.12
C SER A 479 31.71 16.05 3.11
N ARG A 480 31.45 14.83 3.57
CA ARG A 480 32.37 14.15 4.47
C ARG A 480 32.34 12.65 4.21
N VAL A 481 33.52 12.06 4.03
CA VAL A 481 33.64 10.63 3.75
C VAL A 481 34.56 10.00 4.79
N GLN A 482 34.02 9.00 5.51
CA GLN A 482 34.78 8.26 6.51
C GLN A 482 35.50 7.11 5.83
N ALA A 483 36.50 7.46 5.02
CA ALA A 483 37.25 6.48 4.25
C ALA A 483 38.37 5.89 5.10
N ILE A 484 39.19 5.05 4.48
CA ILE A 484 40.30 4.42 5.18
C ILE A 484 41.37 5.44 5.53
N THR A 485 41.38 6.59 4.85
CA THR A 485 42.41 7.61 5.10
C THR A 485 42.37 8.07 6.55
N ARG A 486 41.16 8.32 7.08
CA ARG A 486 40.98 8.73 8.45
C ARG A 486 39.51 8.61 8.82
N PRO A 487 39.19 7.99 9.97
CA PRO A 487 37.80 7.88 10.40
C PRO A 487 37.12 9.22 10.63
N ASP A 488 37.89 10.29 10.85
CA ASP A 488 37.32 11.61 11.11
C ASP A 488 36.41 12.04 9.96
N GLY A 489 36.86 11.81 8.73
CA GLY A 489 36.06 12.11 7.55
C GLY A 489 36.27 13.51 7.00
N LYS A 490 37.20 14.29 7.56
CA LYS A 490 37.46 15.62 7.04
C LYS A 490 38.28 15.51 5.76
N PRO A 491 37.78 16.04 4.63
CA PRO A 491 38.50 15.92 3.35
C PRO A 491 39.66 16.90 3.21
N ILE A 492 40.82 16.53 3.76
CA ILE A 492 41.99 17.39 3.70
C ILE A 492 42.67 17.25 2.34
N GLU A 493 43.17 16.04 2.05
CA GLU A 493 43.88 15.75 0.81
C GLU A 493 44.24 14.27 0.82
N SER A 494 44.80 13.79 -0.30
CA SER A 494 45.21 12.40 -0.43
C SER A 494 46.37 12.11 0.53
N PHE A 495 46.08 11.37 1.60
CA PHE A 495 47.08 11.12 2.63
C PHE A 495 48.17 10.19 2.09
N TYR A 496 49.38 10.38 2.63
CA TYR A 496 50.51 9.51 2.33
C TYR A 496 51.12 9.03 3.64
N LEU A 497 51.45 7.74 3.70
CA LEU A 497 51.97 7.14 4.92
C LEU A 497 53.30 6.45 4.61
N PRO A 498 54.34 6.69 5.41
CA PRO A 498 55.61 6.01 5.20
C PRO A 498 55.43 4.50 5.39
N PRO A 499 56.20 3.68 4.65
CA PRO A 499 56.12 2.24 4.83
C PRO A 499 56.70 1.74 6.15
N GLU A 500 57.55 2.54 6.80
CA GLU A 500 58.14 2.14 8.07
C GLU A 500 57.08 2.08 9.17
N VAL A 501 56.17 3.05 9.20
CA VAL A 501 55.10 3.08 10.18
C VAL A 501 53.88 2.34 9.65
N PHE A 502 54.04 1.66 8.51
CA PHE A 502 52.90 1.00 7.86
C PHE A 502 52.32 -0.09 8.75
N ASP A 503 53.18 -0.88 9.39
CA ASP A 503 52.76 -2.02 10.20
C ASP A 503 53.05 -1.76 11.67
N ASN A 504 52.03 -1.32 12.41
CA ASN A 504 52.11 -1.18 13.86
C ASN A 504 50.76 -1.60 14.44
N PRO A 505 50.72 -2.11 15.68
CA PRO A 505 49.45 -2.55 16.26
C PRO A 505 48.39 -1.47 16.29
N ASP A 506 48.78 -0.23 16.60
CA ASP A 506 47.84 0.87 16.67
C ASP A 506 47.19 1.10 15.30
N PHE A 507 48.00 1.10 14.25
CA PHE A 507 47.48 1.26 12.90
C PHE A 507 46.66 0.03 12.49
N GLN A 508 47.08 -1.16 12.93
CA GLN A 508 46.37 -2.38 12.59
C GLN A 508 44.98 -2.40 13.19
N ARG A 509 44.79 -1.77 14.35
CA ARG A 509 43.49 -1.71 14.99
C ARG A 509 42.43 -1.12 14.05
N GLY A 510 42.85 -0.21 13.17
CA GLY A 510 41.93 0.38 12.20
C GLY A 510 42.07 -0.26 10.83
N LEU A 511 43.26 -0.81 10.52
CA LEU A 511 43.47 -1.43 9.23
C LEU A 511 42.73 -2.75 9.10
N GLU A 512 42.42 -3.41 10.23
CA GLU A 512 41.57 -4.58 10.22
C GLU A 512 40.09 -4.20 10.04
N GLN A 513 39.74 -2.96 10.35
CA GLN A 513 38.40 -2.44 10.15
C GLN A 513 38.30 -1.61 8.87
N PHE A 514 39.38 -1.53 8.08
CA PHE A 514 39.33 -0.84 6.80
C PHE A 514 39.74 -1.72 5.62
N LEU A 515 40.68 -2.65 5.81
CA LEU A 515 41.16 -3.50 4.73
C LEU A 515 41.26 -4.94 5.21
N SER A 516 41.21 -5.86 4.25
CA SER A 516 41.22 -7.29 4.54
C SER A 516 42.56 -7.67 5.16
N PRO A 517 42.64 -8.79 5.89
CA PRO A 517 43.91 -9.21 6.48
C PRO A 517 45.04 -9.30 5.47
N ASP A 518 44.74 -9.82 4.27
CA ASP A 518 45.70 -9.81 3.17
C ASP A 518 45.43 -8.65 2.20
N GLY A 519 44.15 -8.25 2.06
CA GLY A 519 43.76 -7.13 1.24
C GLY A 519 43.14 -7.57 -0.09
N HIS A 520 41.81 -7.62 -0.13
CA HIS A 520 41.10 -7.90 -1.37
C HIS A 520 40.07 -6.81 -1.68
N ALA A 521 39.24 -6.47 -0.68
CA ALA A 521 38.13 -5.53 -0.86
C ALA A 521 38.31 -4.35 0.07
N VAL A 522 38.20 -3.14 -0.49
CA VAL A 522 38.30 -1.92 0.29
C VAL A 522 36.90 -1.56 0.79
N ARG A 523 36.84 -0.68 1.79
CA ARG A 523 35.57 -0.12 2.23
C ARG A 523 35.75 1.39 2.41
N PHE A 524 34.73 2.15 1.96
CA PHE A 524 34.69 3.58 2.09
C PHE A 524 33.38 3.96 2.77
N ILE A 525 33.40 4.10 4.09
CA ILE A 525 32.24 4.57 4.82
C ILE A 525 31.98 6.03 4.45
N ILE A 526 30.72 6.37 4.19
CA ILE A 526 30.37 7.66 3.63
C ILE A 526 29.17 8.23 4.39
N SER A 527 29.26 9.52 4.73
CA SER A 527 28.16 10.24 5.36
C SER A 527 27.68 11.33 4.43
N HIS A 528 26.38 11.35 4.14
CA HIS A 528 25.80 12.31 3.22
C HIS A 528 25.59 13.65 3.94
N GLU A 529 24.91 14.58 3.25
CA GLU A 529 24.56 15.88 3.82
C GLU A 529 23.04 16.02 3.73
N GLY A 530 22.44 16.49 4.83
CA GLY A 530 21.00 16.57 4.90
C GLY A 530 20.38 15.18 4.87
N ASP A 531 19.22 15.08 4.23
CA ASP A 531 18.54 13.80 4.14
C ASP A 531 19.30 12.89 3.18
N PRO A 532 19.78 11.71 3.63
CA PRO A 532 20.49 10.81 2.72
C PRO A 532 19.58 10.01 1.80
N MET A 533 18.28 9.96 2.09
CA MET A 533 17.33 9.19 1.31
C MET A 533 16.52 10.06 0.34
N SER A 534 16.87 11.35 0.23
CA SER A 534 16.16 12.25 -0.66
C SER A 534 16.46 11.91 -2.12
N GLN A 535 15.78 12.60 -3.04
CA GLN A 535 15.96 12.37 -4.45
C GLN A 535 17.40 12.67 -4.87
N ALA A 536 17.96 13.77 -4.37
CA ALA A 536 19.35 14.08 -4.65
C ALA A 536 20.28 13.02 -4.06
N GLY A 537 19.99 12.61 -2.82
CA GLY A 537 20.83 11.64 -2.14
C GLY A 537 20.88 10.27 -2.83
N ILE A 538 19.82 9.92 -3.57
CA ILE A 538 19.77 8.64 -4.25
C ILE A 538 20.23 8.76 -5.70
N ALA A 539 19.98 9.92 -6.32
CA ALA A 539 20.62 10.21 -7.60
C ALA A 539 22.14 10.30 -7.46
N ARG A 540 22.63 10.60 -6.24
CA ARG A 540 24.05 10.58 -5.99
C ARG A 540 24.67 9.20 -6.18
N ILE A 541 23.87 8.14 -6.15
CA ILE A 541 24.42 6.79 -6.24
C ILE A 541 24.97 6.52 -7.64
N ALA A 542 24.22 6.94 -8.67
CA ALA A 542 24.71 6.78 -10.03
C ALA A 542 26.00 7.57 -10.24
N LYS A 543 26.05 8.80 -9.70
CA LYS A 543 27.25 9.62 -9.81
C LYS A 543 28.42 8.96 -9.08
N ILE A 544 28.16 8.37 -7.92
CA ILE A 544 29.20 7.68 -7.16
C ILE A 544 29.75 6.51 -7.97
N LYS A 545 28.85 5.73 -8.57
CA LYS A 545 29.26 4.59 -9.35
C LYS A 545 30.09 5.02 -10.57
N THR A 546 29.65 6.08 -11.26
CA THR A 546 30.37 6.56 -12.42
C THR A 546 31.75 7.08 -12.02
N ALA A 547 31.82 7.81 -10.91
CA ALA A 547 33.10 8.34 -10.44
C ALA A 547 34.05 7.20 -10.06
N ALA A 548 33.51 6.16 -9.41
CA ALA A 548 34.31 5.00 -9.05
C ALA A 548 34.83 4.29 -10.30
N LYS A 549 33.97 4.13 -11.31
CA LYS A 549 34.38 3.47 -12.54
C LYS A 549 35.47 4.29 -13.25
N GLU A 550 35.31 5.61 -13.29
CA GLU A 550 36.32 6.45 -13.93
C GLU A 550 37.63 6.41 -13.15
N ALA A 551 37.55 6.41 -11.81
CA ALA A 551 38.75 6.40 -10.98
C ALA A 551 39.57 5.13 -11.20
N ILE A 552 38.89 3.98 -11.25
CA ILE A 552 39.58 2.72 -11.48
C ILE A 552 40.08 2.62 -12.92
N LYS A 553 39.50 3.39 -13.83
CA LYS A 553 39.97 3.39 -15.21
C LYS A 553 41.34 4.07 -15.29
N GLY A 554 42.26 3.44 -16.04
CA GLY A 554 43.61 3.94 -16.19
C GLY A 554 44.50 3.72 -14.96
N THR A 555 44.06 2.88 -14.02
CA THR A 555 44.78 2.59 -12.79
C THR A 555 44.81 1.08 -12.62
N PRO A 556 45.71 0.55 -11.75
CA PRO A 556 45.71 -0.88 -11.50
C PRO A 556 44.40 -1.47 -10.99
N LEU A 557 43.48 -0.61 -10.51
CA LEU A 557 42.18 -1.07 -10.06
C LEU A 557 41.20 -1.30 -11.21
N GLU A 558 41.65 -1.14 -12.45
CA GLU A 558 40.76 -1.30 -13.60
C GLU A 558 40.23 -2.73 -13.68
N GLY A 559 38.97 -2.85 -14.10
CA GLY A 559 38.32 -4.14 -14.21
C GLY A 559 37.64 -4.62 -12.94
N SER A 560 37.80 -3.89 -11.83
CA SER A 560 37.15 -4.26 -10.58
C SER A 560 35.65 -4.03 -10.67
N ALA A 561 34.90 -4.80 -9.87
CA ALA A 561 33.45 -4.68 -9.82
C ALA A 561 33.07 -3.67 -8.74
N ILE A 562 32.40 -2.59 -9.14
CA ILE A 562 32.01 -1.54 -8.22
C ILE A 562 30.68 -1.94 -7.58
N TYR A 563 30.78 -2.65 -6.46
CA TYR A 563 29.62 -2.98 -5.66
C TYR A 563 29.46 -1.94 -4.56
N LEU A 564 28.25 -1.39 -4.45
CA LEU A 564 27.98 -0.28 -3.53
C LEU A 564 26.97 -0.73 -2.49
N GLY A 565 27.46 -1.25 -1.36
CA GLY A 565 26.59 -1.60 -0.26
C GLY A 565 26.23 -0.40 0.60
N GLY A 566 25.31 -0.62 1.53
CA GLY A 566 24.87 0.43 2.43
C GLY A 566 23.36 0.61 2.41
N THR A 567 22.91 1.87 2.52
CA THR A 567 21.49 2.19 2.52
C THR A 567 21.08 3.07 1.34
N ALA A 568 21.89 4.08 0.99
CA ALA A 568 21.58 4.91 -0.15
C ALA A 568 21.57 4.11 -1.45
N ALA A 569 22.63 3.31 -1.68
CA ALA A 569 22.65 2.44 -2.84
C ALA A 569 21.59 1.35 -2.73
N MET A 570 21.30 0.88 -1.52
CA MET A 570 20.23 -0.08 -1.33
C MET A 570 18.91 0.49 -1.87
N PHE A 571 18.63 1.75 -1.54
CA PHE A 571 17.41 2.37 -2.03
C PHE A 571 17.49 2.67 -3.52
N LYS A 572 18.69 3.01 -4.03
CA LYS A 572 18.80 3.28 -5.45
C LYS A 572 18.50 2.03 -6.27
N ASP A 573 19.13 0.91 -5.89
CA ASP A 573 18.90 -0.35 -6.58
C ASP A 573 17.45 -0.80 -6.45
N LEU A 574 16.85 -0.55 -5.28
CA LEU A 574 15.45 -0.94 -5.07
C LEU A 574 14.50 -0.08 -5.91
N SER A 575 14.77 1.22 -5.98
CA SER A 575 13.94 2.13 -6.78
C SER A 575 14.14 1.94 -8.29
N ASP A 576 15.29 1.38 -8.70
CA ASP A 576 15.45 1.02 -10.10
C ASP A 576 14.39 0.02 -10.54
N GLY A 577 13.88 -0.78 -9.60
CA GLY A 577 12.83 -1.73 -9.89
C GLY A 577 11.42 -1.16 -9.79
N ASN A 578 11.26 0.11 -9.41
CA ASN A 578 9.94 0.70 -9.33
C ASN A 578 9.23 0.68 -10.69
N THR A 579 9.90 1.19 -11.73
CA THR A 579 9.30 1.17 -13.05
C THR A 579 9.07 -0.26 -13.53
N TYR A 580 10.05 -1.14 -13.29
CA TYR A 580 9.97 -2.52 -13.75
C TYR A 580 8.74 -3.22 -13.18
N ASP A 581 8.60 -3.22 -11.85
CA ASP A 581 7.50 -3.94 -11.23
C ASP A 581 6.17 -3.21 -11.43
N LEU A 582 6.18 -1.88 -11.54
CA LEU A 582 4.95 -1.17 -11.83
C LEU A 582 4.42 -1.56 -13.21
N MET A 583 5.31 -1.60 -14.20
CA MET A 583 4.90 -1.99 -15.55
C MET A 583 4.43 -3.45 -15.57
N ILE A 584 5.17 -4.33 -14.90
CA ILE A 584 4.81 -5.74 -14.91
C ILE A 584 3.48 -5.98 -14.19
N ALA A 585 3.22 -5.22 -13.12
CA ALA A 585 1.91 -5.30 -12.46
C ALA A 585 0.81 -4.73 -13.34
N GLY A 586 1.06 -3.58 -13.99
CA GLY A 586 0.10 -3.01 -14.92
C GLY A 586 -0.09 -3.85 -16.18
N ILE A 587 0.74 -4.88 -16.37
CA ILE A 587 0.46 -5.87 -17.40
C ILE A 587 -0.33 -7.04 -16.81
N SER A 588 0.17 -7.63 -15.72
CA SER A 588 -0.40 -8.87 -15.21
C SER A 588 -1.78 -8.64 -14.59
N ALA A 589 -1.92 -7.61 -13.75
CA ALA A 589 -3.19 -7.32 -13.11
C ALA A 589 -4.24 -6.99 -14.17
N LEU A 590 -3.86 -6.22 -15.18
CA LEU A 590 -4.81 -5.87 -16.23
C LEU A 590 -5.15 -7.09 -17.10
N CYS A 591 -4.20 -8.01 -17.31
CA CYS A 591 -4.51 -9.24 -18.02
C CYS A 591 -5.46 -10.12 -17.21
N LEU A 592 -5.28 -10.15 -15.88
CA LEU A 592 -6.19 -10.89 -15.03
C LEU A 592 -7.58 -10.25 -15.04
N ILE A 593 -7.64 -8.92 -15.09
CA ILE A 593 -8.91 -8.23 -15.26
C ILE A 593 -9.54 -8.60 -16.61
N PHE A 594 -8.70 -8.68 -17.65
CA PHE A 594 -9.16 -9.16 -18.94
C PHE A 594 -9.83 -10.53 -18.81
N ILE A 595 -9.14 -11.46 -18.13
CA ILE A 595 -9.63 -12.81 -18.00
C ILE A 595 -10.95 -12.84 -17.24
N ILE A 596 -11.01 -12.10 -16.12
CA ILE A 596 -12.21 -12.08 -15.29
C ILE A 596 -13.38 -11.49 -16.05
N MET A 597 -13.13 -10.40 -16.79
CA MET A 597 -14.20 -9.78 -17.56
C MET A 597 -14.66 -10.67 -18.71
N LEU A 598 -13.75 -11.39 -19.38
CA LEU A 598 -14.14 -12.30 -20.43
C LEU A 598 -14.90 -13.50 -19.86
N ILE A 599 -14.61 -13.89 -18.61
CA ILE A 599 -15.25 -15.07 -18.03
C ILE A 599 -16.65 -14.75 -17.53
N THR A 600 -16.76 -13.77 -16.62
CA THR A 600 -18.03 -13.43 -16.01
C THR A 600 -18.75 -12.29 -16.73
N THR A 601 -18.25 -11.92 -17.91
CA THR A 601 -18.85 -10.86 -18.73
C THR A 601 -18.34 -11.13 -20.15
N ARG A 602 -18.78 -10.32 -21.13
CA ARG A 602 -18.43 -10.55 -22.52
C ARG A 602 -17.97 -9.24 -23.18
N SER A 603 -16.65 -9.02 -23.19
CA SER A 603 -16.03 -7.94 -23.94
C SER A 603 -14.51 -8.06 -23.82
N VAL A 604 -13.80 -7.49 -24.81
CA VAL A 604 -12.35 -7.44 -24.80
C VAL A 604 -11.84 -6.00 -24.72
N VAL A 605 -12.49 -5.08 -25.47
CA VAL A 605 -12.09 -3.68 -25.42
C VAL A 605 -12.47 -3.07 -24.08
N ALA A 606 -13.65 -3.43 -23.55
CA ALA A 606 -14.07 -2.92 -22.24
C ALA A 606 -13.18 -3.42 -21.11
N ALA A 607 -12.60 -4.61 -21.28
CA ALA A 607 -11.60 -5.07 -20.32
C ALA A 607 -10.38 -4.15 -20.31
N ALA A 608 -10.13 -3.46 -21.43
CA ALA A 608 -9.08 -2.46 -21.50
C ALA A 608 -9.56 -1.08 -21.05
N VAL A 609 -10.85 -0.76 -21.24
CA VAL A 609 -11.37 0.52 -20.80
C VAL A 609 -11.46 0.57 -19.29
N ILE A 610 -11.84 -0.55 -18.66
CA ILE A 610 -11.99 -0.63 -17.21
C ILE A 610 -10.67 -0.39 -16.49
N VAL A 611 -9.54 -0.59 -17.20
CA VAL A 611 -8.23 -0.35 -16.62
C VAL A 611 -7.66 0.98 -17.12
N GLY A 612 -8.07 1.42 -18.32
CA GLY A 612 -7.70 2.74 -18.80
C GLY A 612 -8.30 3.85 -17.94
N THR A 613 -9.54 3.67 -17.51
CA THR A 613 -10.17 4.64 -16.63
C THR A 613 -9.39 4.74 -15.32
N VAL A 614 -9.00 3.59 -14.77
CA VAL A 614 -8.30 3.57 -13.51
C VAL A 614 -6.92 4.20 -13.66
N VAL A 615 -6.21 3.89 -14.75
CA VAL A 615 -4.87 4.44 -14.92
C VAL A 615 -4.94 5.94 -15.17
N LEU A 616 -6.00 6.43 -15.82
CA LEU A 616 -6.18 7.87 -15.97
C LEU A 616 -6.48 8.54 -14.64
N SER A 617 -7.38 7.93 -13.84
CA SER A 617 -7.71 8.47 -12.53
C SER A 617 -6.58 8.33 -11.53
N LEU A 618 -5.56 7.51 -11.84
CA LEU A 618 -4.38 7.44 -11.00
C LEU A 618 -3.70 8.80 -10.93
N GLY A 619 -3.71 9.54 -12.03
CA GLY A 619 -3.15 10.88 -12.03
C GLY A 619 -3.89 11.82 -11.09
N ALA A 620 -5.23 11.74 -11.09
CA ALA A 620 -6.02 12.54 -10.17
C ALA A 620 -5.77 12.14 -8.72
N SER A 621 -5.66 10.83 -8.47
CA SER A 621 -5.38 10.34 -7.13
C SER A 621 -4.02 10.87 -6.64
N PHE A 622 -3.01 10.79 -7.51
CA PHE A 622 -1.69 11.29 -7.17
C PHE A 622 -1.73 12.79 -6.92
N GLY A 623 -2.48 13.53 -7.74
CA GLY A 623 -2.57 14.97 -7.57
C GLY A 623 -3.23 15.34 -6.24
N LEU A 624 -4.32 14.65 -5.91
CA LEU A 624 -5.00 14.93 -4.66
C LEU A 624 -4.09 14.61 -3.47
N SER A 625 -3.42 13.45 -3.50
CA SER A 625 -2.62 13.02 -2.38
C SER A 625 -1.33 13.83 -2.24
N VAL A 626 -0.86 14.46 -3.33
CA VAL A 626 0.30 15.32 -3.19
C VAL A 626 -0.12 16.75 -2.83
N LEU A 627 -1.33 17.18 -3.19
CA LEU A 627 -1.81 18.47 -2.71
C LEU A 627 -2.10 18.39 -1.22
N ILE A 628 -2.73 17.30 -0.77
CA ILE A 628 -3.06 17.14 0.63
C ILE A 628 -1.81 16.89 1.47
N TRP A 629 -0.89 16.05 0.98
CA TRP A 629 0.25 15.69 1.77
C TRP A 629 1.38 16.72 1.61
N GLN A 630 1.88 16.93 0.39
CA GLN A 630 3.08 17.71 0.20
C GLN A 630 2.79 19.21 0.29
N HIS A 631 1.78 19.67 -0.44
CA HIS A 631 1.53 21.10 -0.54
C HIS A 631 1.01 21.68 0.79
N ILE A 632 0.12 20.94 1.48
CA ILE A 632 -0.49 21.44 2.70
C ILE A 632 0.32 21.01 3.93
N LEU A 633 0.42 19.69 4.13
CA LEU A 633 1.08 19.15 5.32
C LEU A 633 2.60 19.19 5.22
N GLY A 634 3.15 19.45 4.03
CA GLY A 634 4.59 19.63 3.90
C GLY A 634 5.38 18.32 3.94
N ILE A 635 4.72 17.18 3.71
CA ILE A 635 5.37 15.88 3.73
C ILE A 635 5.20 15.23 2.36
N GLU A 636 6.31 14.81 1.77
CA GLU A 636 6.29 14.15 0.47
C GLU A 636 5.86 12.69 0.65
N LEU A 637 5.88 11.96 -0.46
CA LEU A 637 5.39 10.58 -0.48
C LEU A 637 6.58 9.62 -0.50
N HIS A 638 6.51 8.61 0.37
CA HIS A 638 7.52 7.58 0.42
C HIS A 638 7.41 6.69 -0.82
N TRP A 639 8.54 6.09 -1.21
CA TRP A 639 8.56 5.30 -2.43
C TRP A 639 7.65 4.08 -2.32
N LEU A 640 7.51 3.51 -1.11
CA LEU A 640 6.53 2.45 -0.90
C LEU A 640 5.11 2.97 -1.11
N VAL A 641 4.88 4.24 -0.79
CA VAL A 641 3.59 4.85 -1.05
C VAL A 641 3.34 4.99 -2.54
N LEU A 642 4.39 4.83 -3.37
CA LEU A 642 4.17 4.88 -4.82
C LEU A 642 3.70 3.51 -5.32
N ALA A 643 4.60 2.51 -5.25
CA ALA A 643 4.33 1.22 -5.86
C ALA A 643 3.12 0.51 -5.23
N MET A 644 3.14 0.36 -3.91
CA MET A 644 2.06 -0.36 -3.22
C MET A 644 0.72 0.35 -3.41
N ALA A 645 0.71 1.68 -3.24
CA ALA A 645 -0.52 2.42 -3.37
C ALA A 645 -1.07 2.32 -4.79
N VAL A 646 -0.19 2.44 -5.80
CA VAL A 646 -0.65 2.39 -7.18
C VAL A 646 -1.21 1.01 -7.51
N ILE A 647 -0.53 -0.05 -7.07
CA ILE A 647 -0.99 -1.40 -7.41
C ILE A 647 -2.29 -1.72 -6.68
N ILE A 648 -2.39 -1.33 -5.40
CA ILE A 648 -3.62 -1.56 -4.66
C ILE A 648 -4.76 -0.71 -5.23
N LEU A 649 -4.45 0.52 -5.65
CA LEU A 649 -5.44 1.36 -6.31
C LEU A 649 -5.91 0.72 -7.60
N LEU A 650 -5.00 0.20 -8.42
CA LEU A 650 -5.41 -0.52 -9.62
C LEU A 650 -6.37 -1.66 -9.25
N ALA A 651 -5.97 -2.48 -8.28
CA ALA A 651 -6.76 -3.64 -7.93
C ALA A 651 -8.15 -3.24 -7.41
N VAL A 652 -8.23 -2.25 -6.51
CA VAL A 652 -9.47 -1.93 -5.84
C VAL A 652 -10.37 -1.08 -6.74
N GLY A 653 -9.78 -0.14 -7.49
CA GLY A 653 -10.52 0.58 -8.51
C GLY A 653 -11.06 -0.39 -9.57
N ALA A 654 -10.27 -1.42 -9.91
CA ALA A 654 -10.76 -2.45 -10.79
C ALA A 654 -11.91 -3.21 -10.14
N ASP A 655 -11.84 -3.49 -8.84
CA ASP A 655 -12.94 -4.10 -8.11
C ASP A 655 -14.21 -3.26 -8.25
N TYR A 656 -14.11 -1.96 -8.00
CA TYR A 656 -15.28 -1.09 -8.03
C TYR A 656 -15.83 -0.97 -9.44
N ASN A 657 -14.96 -0.72 -10.43
CA ASN A 657 -15.39 -0.62 -11.81
C ASN A 657 -15.91 -1.96 -12.33
N LEU A 658 -15.35 -3.07 -11.83
CA LEU A 658 -15.81 -4.39 -12.22
C LEU A 658 -17.20 -4.69 -11.67
N LEU A 659 -17.46 -4.29 -10.44
CA LEU A 659 -18.81 -4.41 -9.89
C LEU A 659 -19.76 -3.55 -10.70
N LEU A 660 -19.33 -2.33 -11.03
CA LEU A 660 -20.18 -1.44 -11.84
C LEU A 660 -20.51 -2.06 -13.21
N VAL A 661 -19.49 -2.53 -13.92
CA VAL A 661 -19.70 -3.09 -15.24
C VAL A 661 -20.44 -4.43 -15.19
N ALA A 662 -20.25 -5.20 -14.10
CA ALA A 662 -20.98 -6.44 -13.94
C ALA A 662 -22.47 -6.13 -13.75
N ARG A 663 -22.79 -5.13 -12.93
CA ARG A 663 -24.17 -4.73 -12.78
C ARG A 663 -24.72 -4.18 -14.10
N LEU A 664 -23.90 -3.41 -14.82
CA LEU A 664 -24.30 -2.90 -16.13
C LEU A 664 -24.68 -4.04 -17.07
N LYS A 665 -23.83 -5.08 -17.11
CA LYS A 665 -24.10 -6.25 -17.93
C LYS A 665 -25.39 -6.94 -17.47
N GLU A 666 -25.59 -7.05 -16.17
CA GLU A 666 -26.82 -7.60 -15.65
C GLU A 666 -28.03 -6.74 -16.05
N GLU A 667 -27.81 -5.46 -16.40
CA GLU A 667 -28.90 -4.58 -16.78
C GLU A 667 -28.84 -4.15 -18.25
N ILE A 668 -28.01 -4.80 -19.08
CA ILE A 668 -27.97 -4.48 -20.51
C ILE A 668 -29.27 -4.92 -21.21
N HIS A 669 -29.99 -5.88 -20.65
CA HIS A 669 -31.18 -6.39 -21.32
C HIS A 669 -32.21 -5.29 -21.59
N ALA A 670 -32.26 -4.28 -20.72
CA ALA A 670 -33.21 -3.18 -20.89
C ALA A 670 -32.64 -2.02 -21.69
N GLY A 671 -31.34 -2.05 -22.01
CA GLY A 671 -30.70 -1.02 -22.80
C GLY A 671 -29.35 -0.65 -22.23
N ILE A 672 -28.53 0.00 -23.04
CA ILE A 672 -27.20 0.39 -22.60
C ILE A 672 -27.26 1.65 -21.73
N ASN A 673 -27.80 2.75 -22.28
CA ASN A 673 -27.87 4.00 -21.54
C ASN A 673 -28.73 3.85 -20.28
N THR A 674 -29.90 3.17 -20.41
CA THR A 674 -30.72 2.95 -19.23
C THR A 674 -30.07 1.96 -18.27
N GLY A 675 -29.29 1.02 -18.81
CA GLY A 675 -28.54 0.11 -17.94
C GLY A 675 -27.55 0.87 -17.05
N ILE A 676 -26.98 1.94 -17.58
CA ILE A 676 -26.04 2.75 -16.81
C ILE A 676 -26.72 3.34 -15.59
N ILE A 677 -27.88 3.98 -15.79
CA ILE A 677 -28.60 4.61 -14.68
C ILE A 677 -29.15 3.55 -13.71
N ARG A 678 -29.59 2.41 -14.24
CA ARG A 678 -30.07 1.34 -13.38
C ARG A 678 -28.95 0.83 -12.47
N ALA A 679 -27.77 0.59 -13.05
CA ALA A 679 -26.65 0.10 -12.27
C ALA A 679 -26.21 1.14 -11.27
N MET A 680 -26.19 2.42 -11.66
CA MET A 680 -25.82 3.48 -10.73
C MET A 680 -26.77 3.51 -9.52
N GLY A 681 -28.08 3.48 -9.80
CA GLY A 681 -29.06 3.51 -8.74
C GLY A 681 -28.92 2.30 -7.81
N GLY A 682 -28.68 1.13 -8.40
CA GLY A 682 -28.65 -0.10 -7.63
C GLY A 682 -27.35 -0.32 -6.86
N SER A 683 -26.27 0.35 -7.28
CA SER A 683 -24.96 0.08 -6.71
C SER A 683 -24.34 1.26 -5.97
N GLY A 684 -24.90 2.47 -6.09
CA GLY A 684 -24.22 3.63 -5.55
C GLY A 684 -24.11 3.59 -4.04
N SER A 685 -25.21 3.23 -3.34
CA SER A 685 -25.20 3.24 -1.89
C SER A 685 -24.15 2.25 -1.35
N VAL A 686 -24.18 1.01 -1.86
CA VAL A 686 -23.26 -0.02 -1.38
C VAL A 686 -21.81 0.35 -1.71
N VAL A 687 -21.56 0.83 -2.92
CA VAL A 687 -20.20 1.15 -3.31
C VAL A 687 -19.68 2.34 -2.51
N THR A 688 -20.54 3.34 -2.26
CA THR A 688 -20.13 4.49 -1.49
C THR A 688 -19.83 4.09 -0.04
N ALA A 689 -20.67 3.21 0.53
CA ALA A 689 -20.43 2.76 1.90
C ALA A 689 -19.09 2.01 1.97
N ALA A 690 -18.87 1.10 1.03
CA ALA A 690 -17.64 0.32 1.00
C ALA A 690 -16.44 1.24 0.81
N GLY A 691 -16.53 2.21 -0.07
CA GLY A 691 -15.43 3.13 -0.30
C GLY A 691 -15.14 3.98 0.92
N LEU A 692 -16.19 4.47 1.60
CA LEU A 692 -15.98 5.22 2.83
C LEU A 692 -15.34 4.35 3.91
N VAL A 693 -15.80 3.11 4.04
CA VAL A 693 -15.23 2.21 5.05
C VAL A 693 -13.76 1.95 4.74
N PHE A 694 -13.44 1.64 3.49
CA PHE A 694 -12.06 1.36 3.12
C PHE A 694 -11.20 2.60 3.33
N ALA A 695 -11.70 3.77 2.90
CA ALA A 695 -10.95 5.01 3.02
C ALA A 695 -10.67 5.37 4.48
N PHE A 696 -11.68 5.25 5.35
CA PHE A 696 -11.50 5.59 6.75
C PHE A 696 -10.66 4.55 7.48
N THR A 697 -10.80 3.27 7.13
CA THR A 697 -9.95 2.24 7.70
C THR A 697 -8.50 2.48 7.31
N MET A 698 -8.25 2.86 6.06
CA MET A 698 -6.90 3.16 5.62
C MET A 698 -6.38 4.44 6.27
N MET A 699 -7.24 5.44 6.45
CA MET A 699 -6.86 6.67 7.12
C MET A 699 -6.67 6.49 8.62
N SER A 700 -7.15 5.37 9.18
CA SER A 700 -6.88 5.02 10.56
C SER A 700 -5.40 4.80 10.82
N PHE A 701 -4.61 4.66 9.75
CA PHE A 701 -3.17 4.55 9.90
C PHE A 701 -2.54 5.85 10.40
N ALA A 702 -3.29 6.97 10.41
CA ALA A 702 -2.76 8.22 10.90
C ALA A 702 -2.34 8.13 12.37
N VAL A 703 -2.95 7.21 13.12
CA VAL A 703 -2.60 6.99 14.52
C VAL A 703 -1.94 5.63 14.69
N SER A 704 -1.27 5.16 13.63
CA SER A 704 -0.67 3.83 13.62
C SER A 704 0.80 3.85 14.04
N GLU A 705 1.35 5.02 14.36
CA GLU A 705 2.78 5.16 14.66
C GLU A 705 3.64 4.82 13.45
N LEU A 706 3.03 4.72 12.26
CA LEU A 706 3.71 4.42 11.02
C LEU A 706 3.17 5.42 10.00
N THR A 707 3.77 6.61 9.93
CA THR A 707 3.24 7.66 9.07
C THR A 707 3.44 7.30 7.60
N VAL A 708 4.35 6.37 7.29
CA VAL A 708 4.42 5.85 5.92
C VAL A 708 3.19 4.99 5.61
N MET A 709 2.78 4.14 6.54
CA MET A 709 1.52 3.43 6.41
C MET A 709 0.37 4.41 6.40
N ALA A 710 0.50 5.52 7.14
CA ALA A 710 -0.54 6.55 7.13
C ALA A 710 -0.64 7.18 5.75
N GLN A 711 0.50 7.45 5.10
CA GLN A 711 0.49 8.00 3.75
C GLN A 711 -0.10 7.01 2.75
N VAL A 712 0.27 5.75 2.86
CA VAL A 712 -0.29 4.73 1.99
C VAL A 712 -1.78 4.71 2.15
N GLY A 713 -2.25 4.62 3.39
CA GLY A 713 -3.68 4.52 3.67
C GLY A 713 -4.43 5.76 3.23
N THR A 714 -3.90 6.94 3.52
CA THR A 714 -4.56 8.19 3.16
C THR A 714 -4.62 8.34 1.64
N THR A 715 -3.53 8.02 0.94
CA THR A 715 -3.53 8.10 -0.52
C THR A 715 -4.56 7.12 -1.09
N ILE A 716 -4.57 5.89 -0.61
CA ILE A 716 -5.51 4.92 -1.10
C ILE A 716 -6.93 5.37 -0.79
N GLY A 717 -7.17 5.89 0.41
CA GLY A 717 -8.50 6.32 0.79
C GLY A 717 -9.01 7.51 -0.03
N MET A 718 -8.14 8.48 -0.29
CA MET A 718 -8.53 9.62 -1.09
C MET A 718 -8.75 9.21 -2.55
N GLY A 719 -7.90 8.32 -3.07
CA GLY A 719 -8.11 7.78 -4.39
C GLY A 719 -9.43 7.02 -4.48
N LEU A 720 -9.75 6.25 -3.46
CA LEU A 720 -11.00 5.52 -3.44
C LEU A 720 -12.20 6.45 -3.33
N LEU A 721 -12.06 7.54 -2.59
CA LEU A 721 -13.12 8.56 -2.54
C LEU A 721 -13.34 9.18 -3.93
N PHE A 722 -12.25 9.55 -4.60
CA PHE A 722 -12.35 10.09 -5.94
C PHE A 722 -12.93 9.06 -6.92
N ASP A 723 -12.65 7.77 -6.69
CA ASP A 723 -13.21 6.73 -7.53
C ASP A 723 -14.71 6.57 -7.29
N THR A 724 -15.12 6.49 -6.02
CA THR A 724 -16.50 6.27 -5.69
C THR A 724 -17.37 7.51 -5.92
N LEU A 725 -16.75 8.69 -6.10
CA LEU A 725 -17.52 9.91 -6.31
C LEU A 725 -17.38 10.48 -7.71
N ILE A 726 -16.30 10.17 -8.43
CA ILE A 726 -16.04 10.79 -9.73
C ILE A 726 -15.83 9.75 -10.82
N VAL A 727 -14.89 8.84 -10.59
CA VAL A 727 -14.47 7.88 -11.63
C VAL A 727 -15.58 6.86 -11.88
N ARG A 728 -15.86 6.05 -10.88
CA ARG A 728 -16.96 5.10 -10.98
C ARG A 728 -18.29 5.83 -11.19
N SER A 729 -18.42 7.03 -10.63
CA SER A 729 -19.68 7.75 -10.71
C SER A 729 -19.99 8.21 -12.13
N PHE A 730 -19.02 8.84 -12.79
CA PHE A 730 -19.30 9.47 -14.07
C PHE A 730 -18.32 9.09 -15.16
N MET A 731 -17.03 8.91 -14.84
CA MET A 731 -16.02 8.76 -15.88
C MET A 731 -16.20 7.45 -16.64
N THR A 732 -16.30 6.33 -15.92
CA THR A 732 -16.47 5.05 -16.58
C THR A 732 -17.81 4.97 -17.33
N PRO A 733 -18.97 5.26 -16.69
CA PRO A 733 -20.23 5.19 -17.42
C PRO A 733 -20.32 6.14 -18.63
N SER A 734 -19.66 7.31 -18.57
CA SER A 734 -19.68 8.22 -19.69
C SER A 734 -18.99 7.59 -20.91
N ILE A 735 -17.84 6.94 -20.67
CA ILE A 735 -17.14 6.23 -21.74
C ILE A 735 -18.00 5.09 -22.27
N ALA A 736 -18.60 4.34 -21.36
CA ALA A 736 -19.47 3.24 -21.77
C ALA A 736 -20.60 3.72 -22.66
N ALA A 737 -21.13 4.92 -22.36
CA ALA A 737 -22.22 5.48 -23.16
C ALA A 737 -21.71 5.97 -24.51
N LEU A 738 -20.55 6.66 -24.52
CA LEU A 738 -20.02 7.22 -25.76
C LEU A 738 -19.66 6.13 -26.77
N LEU A 739 -19.00 5.08 -26.29
CA LEU A 739 -18.69 3.93 -27.14
C LEU A 739 -19.57 2.77 -26.71
N GLY A 740 -20.64 2.52 -27.48
CA GLY A 740 -21.61 1.51 -27.12
C GLY A 740 -21.25 0.13 -27.70
N LYS A 741 -21.11 0.06 -29.03
CA LYS A 741 -20.84 -1.20 -29.66
C LYS A 741 -19.43 -1.68 -29.36
N TRP A 742 -18.50 -0.74 -29.13
CA TRP A 742 -17.12 -1.08 -28.82
C TRP A 742 -16.89 -1.38 -27.33
N PHE A 743 -17.96 -1.53 -26.56
CA PHE A 743 -17.85 -1.87 -25.15
C PHE A 743 -18.30 -3.29 -24.85
N TRP A 744 -19.14 -3.89 -25.72
CA TRP A 744 -19.50 -5.30 -25.62
C TRP A 744 -19.50 -5.94 -26.99
N TRP A 745 -18.48 -5.63 -27.80
CA TRP A 745 -18.45 -6.05 -29.19
C TRP A 745 -18.46 -7.56 -29.36
N PRO A 746 -17.65 -8.36 -28.61
CA PRO A 746 -17.69 -9.80 -28.81
C PRO A 746 -19.06 -10.43 -28.64
N GLN A 747 -19.87 -9.90 -27.71
CA GLN A 747 -21.20 -10.45 -27.45
C GLN A 747 -22.28 -9.84 -28.35
N VAL A 748 -21.89 -8.97 -29.30
CA VAL A 748 -22.81 -8.28 -30.19
C VAL A 748 -23.58 -7.25 -29.37
N VAL A 749 -23.67 -6.02 -29.90
CA VAL A 749 -24.29 -4.92 -29.18
C VAL A 749 -25.46 -4.40 -30.00
N ARG A 750 -26.64 -4.38 -29.36
CA ARG A 750 -27.78 -3.62 -29.84
C ARG A 750 -28.05 -2.54 -28.78
N GLN A 751 -27.73 -1.29 -29.13
CA GLN A 751 -27.79 -0.21 -28.15
C GLN A 751 -29.19 -0.11 -27.57
N ARG A 752 -30.19 -0.05 -28.40
CA ARG A 752 -31.53 -0.16 -27.86
C ARG A 752 -31.98 -1.62 -27.92
N PRO A 753 -32.71 -2.13 -26.93
CA PRO A 753 -33.36 -3.42 -27.08
C PRO A 753 -34.37 -3.35 -28.24
N ILE A 754 -34.59 -4.48 -28.88
CA ILE A 754 -35.52 -4.58 -29.99
C ILE A 754 -36.81 -3.89 -29.59
N PRO A 755 -37.28 -2.88 -30.38
CA PRO A 755 -38.37 -2.03 -29.93
C PRO A 755 -39.55 -2.81 -29.38
N GLN A 756 -40.00 -2.41 -28.18
CA GLN A 756 -41.03 -3.13 -27.45
C GLN A 756 -42.33 -2.34 -27.45
N PRO A 757 -43.48 -3.02 -27.36
CA PRO A 757 -44.75 -2.31 -27.27
C PRO A 757 -44.92 -1.65 -25.91
N TRP A 758 -45.79 -0.64 -25.88
CA TRP A 758 -46.06 0.11 -24.66
C TRP A 758 -46.95 -0.71 -23.72
N ALA B 1 -56.48 2.58 -25.21
CA ALA B 1 -56.03 3.34 -26.40
C ALA B 1 -54.53 3.62 -26.29
N THR B 2 -53.98 4.26 -27.34
CA THR B 2 -52.57 4.60 -27.35
C THR B 2 -52.23 5.58 -26.24
N GLN B 3 -53.12 6.55 -25.99
CA GLN B 3 -52.88 7.55 -24.95
C GLN B 3 -52.73 6.88 -23.59
N GLU B 4 -53.62 5.94 -23.27
CA GLU B 4 -53.55 5.26 -21.99
C GLU B 4 -52.24 4.46 -21.88
N GLU B 5 -51.83 3.79 -22.97
CA GLU B 5 -50.61 3.00 -22.95
C GLU B 5 -49.38 3.88 -22.70
N ILE B 6 -49.29 5.00 -23.42
CA ILE B 6 -48.13 5.88 -23.26
C ILE B 6 -48.12 6.49 -21.86
N ILE B 7 -49.31 6.87 -21.35
CA ILE B 7 -49.39 7.44 -20.02
C ILE B 7 -48.97 6.42 -18.98
N ALA B 8 -49.39 5.15 -19.16
CA ALA B 8 -49.02 4.09 -18.24
C ALA B 8 -47.50 3.85 -18.25
N GLY B 9 -46.90 3.88 -19.45
CA GLY B 9 -45.45 3.73 -19.53
C GLY B 9 -44.73 4.85 -18.80
N LEU B 10 -45.18 6.09 -19.02
CA LEU B 10 -44.56 7.22 -18.36
C LEU B 10 -44.73 7.12 -16.83
N ALA B 11 -45.91 6.69 -16.38
CA ALA B 11 -46.16 6.56 -14.96
C ALA B 11 -45.30 5.45 -14.34
N GLU B 12 -45.08 4.37 -15.08
CA GLU B 12 -44.18 3.32 -14.60
C GLU B 12 -42.76 3.87 -14.47
N ILE B 13 -42.31 4.66 -15.44
CA ILE B 13 -40.99 5.28 -15.34
C ILE B 13 -40.95 6.23 -14.14
N ILE B 14 -42.04 6.95 -13.89
CA ILE B 14 -42.12 7.84 -12.74
C ILE B 14 -41.95 7.05 -11.44
N GLU B 15 -42.65 5.91 -11.35
CA GLU B 15 -42.55 5.07 -10.17
C GLU B 15 -41.12 4.55 -9.97
N GLU B 16 -40.47 4.18 -11.07
CA GLU B 16 -39.11 3.65 -10.98
C GLU B 16 -38.14 4.74 -10.52
N VAL B 17 -38.22 5.93 -11.12
CA VAL B 17 -37.19 6.94 -10.92
C VAL B 17 -37.26 7.54 -9.50
N THR B 18 -38.46 7.89 -9.04
CA THR B 18 -38.60 8.62 -7.79
C THR B 18 -39.66 8.04 -6.85
N GLY B 19 -40.22 6.86 -7.17
CA GLY B 19 -41.03 6.13 -6.21
C GLY B 19 -42.38 6.78 -5.85
N ILE B 20 -43.11 7.26 -6.87
CA ILE B 20 -44.49 7.69 -6.69
C ILE B 20 -45.38 6.74 -7.49
N GLU B 21 -46.46 6.28 -6.86
CA GLU B 21 -47.30 5.25 -7.45
C GLU B 21 -47.92 5.77 -8.75
N PRO B 22 -48.03 4.91 -9.79
CA PRO B 22 -48.70 5.34 -11.02
C PRO B 22 -50.19 5.65 -10.85
N SER B 23 -50.81 5.21 -9.75
CA SER B 23 -52.25 5.34 -9.60
C SER B 23 -52.71 6.80 -9.65
N GLU B 24 -51.98 7.68 -8.95
CA GLU B 24 -52.36 9.08 -8.88
C GLU B 24 -51.71 9.93 -9.97
N VAL B 25 -50.93 9.32 -10.86
CA VAL B 25 -50.30 10.04 -11.95
C VAL B 25 -51.33 10.29 -13.05
N THR B 26 -51.60 11.57 -13.32
CA THR B 26 -52.58 11.98 -14.32
C THR B 26 -51.97 13.06 -15.20
N PRO B 27 -52.41 13.16 -16.47
CA PRO B 27 -51.90 14.21 -17.35
C PRO B 27 -52.41 15.61 -17.09
N GLU B 28 -53.12 15.82 -15.97
CA GLU B 28 -53.69 17.12 -15.63
C GLU B 28 -52.86 17.85 -14.58
N LYS B 29 -51.55 17.57 -14.52
CA LYS B 29 -50.68 18.21 -13.55
C LYS B 29 -49.27 18.30 -14.12
N SER B 30 -48.48 19.20 -13.52
CA SER B 30 -47.11 19.45 -13.92
C SER B 30 -46.16 18.48 -13.19
N PHE B 31 -44.86 18.61 -13.46
CA PHE B 31 -43.86 17.75 -12.87
C PHE B 31 -43.20 18.40 -11.64
N VAL B 32 -42.59 19.57 -11.83
CA VAL B 32 -41.86 20.21 -10.74
C VAL B 32 -42.83 20.74 -9.68
N ASP B 33 -43.96 21.31 -10.12
CA ASP B 33 -44.89 21.95 -9.20
C ASP B 33 -45.47 20.97 -8.19
N ASP B 34 -45.85 19.77 -8.66
CA ASP B 34 -46.55 18.80 -7.83
C ASP B 34 -45.64 17.65 -7.39
N LEU B 35 -45.01 16.98 -8.35
CA LEU B 35 -44.24 15.78 -8.06
C LEU B 35 -42.84 16.09 -7.52
N ASP B 36 -42.42 17.37 -7.51
CA ASP B 36 -41.09 17.76 -7.08
C ASP B 36 -40.02 17.04 -7.90
N ILE B 37 -40.07 17.28 -9.21
CA ILE B 37 -39.21 16.60 -10.17
C ILE B 37 -38.16 17.60 -10.66
N ASP B 38 -36.89 17.23 -10.47
CA ASP B 38 -35.78 18.04 -10.92
C ASP B 38 -35.60 17.89 -12.43
N SER B 39 -34.91 18.86 -13.02
CA SER B 39 -34.58 18.80 -14.45
C SER B 39 -33.81 17.51 -14.79
N LEU B 40 -32.97 17.04 -13.86
CA LEU B 40 -32.23 15.81 -14.08
C LEU B 40 -33.16 14.60 -14.11
N SER B 41 -34.20 14.61 -13.28
CA SER B 41 -35.18 13.52 -13.29
C SER B 41 -35.90 13.43 -14.64
N MET B 42 -36.26 14.58 -15.20
CA MET B 42 -36.88 14.60 -16.52
C MET B 42 -35.90 14.07 -17.57
N VAL B 43 -34.61 14.40 -17.41
CA VAL B 43 -33.59 13.87 -18.31
C VAL B 43 -33.52 12.35 -18.21
N GLU B 44 -33.61 11.83 -16.99
CA GLU B 44 -33.61 10.38 -16.79
C GLU B 44 -34.83 9.74 -17.47
N ILE B 45 -35.98 10.39 -17.34
CA ILE B 45 -37.18 9.90 -18.01
C ILE B 45 -36.98 9.84 -19.53
N ALA B 46 -36.39 10.90 -20.09
CA ALA B 46 -36.14 10.94 -21.52
C ALA B 46 -35.20 9.81 -21.95
N VAL B 47 -34.14 9.57 -21.17
CA VAL B 47 -33.21 8.52 -21.51
C VAL B 47 -33.86 7.14 -21.42
N GLN B 48 -34.68 6.94 -20.39
CA GLN B 48 -35.38 5.67 -20.23
C GLN B 48 -36.32 5.40 -21.39
N THR B 49 -37.06 6.43 -21.82
CA THR B 49 -37.94 6.26 -22.97
C THR B 49 -37.13 5.95 -24.23
N GLU B 50 -36.04 6.69 -24.44
CA GLU B 50 -35.21 6.48 -25.62
C GLU B 50 -34.67 5.05 -25.68
N ASP B 51 -34.25 4.52 -24.53
CA ASP B 51 -33.69 3.17 -24.51
C ASP B 51 -34.78 2.11 -24.67
N LYS B 52 -35.73 2.06 -23.73
CA LYS B 52 -36.70 0.99 -23.73
C LYS B 52 -37.56 1.01 -24.98
N TYR B 53 -38.05 2.19 -25.37
CA TYR B 53 -38.90 2.32 -26.54
C TYR B 53 -38.21 3.16 -27.60
N GLY B 54 -38.78 3.20 -28.80
CA GLY B 54 -38.20 3.99 -29.86
C GLY B 54 -38.81 5.40 -29.92
N VAL B 55 -38.15 6.36 -29.24
CA VAL B 55 -38.56 7.74 -29.23
C VAL B 55 -37.30 8.57 -28.92
N LYS B 56 -37.26 9.80 -29.43
CA LYS B 56 -36.11 10.66 -29.20
C LYS B 56 -36.61 12.06 -28.87
N ILE B 57 -36.20 12.57 -27.71
CA ILE B 57 -36.47 13.94 -27.32
C ILE B 57 -35.14 14.67 -27.24
N PRO B 58 -34.83 15.58 -28.18
CA PRO B 58 -33.51 16.20 -28.21
C PRO B 58 -33.29 17.12 -27.02
N ASP B 59 -32.02 17.44 -26.79
CA ASP B 59 -31.64 18.34 -25.71
C ASP B 59 -32.15 19.75 -26.00
N GLU B 60 -32.21 20.57 -24.94
CA GLU B 60 -32.74 21.93 -25.00
C GLU B 60 -34.19 21.94 -25.47
N ASP B 61 -34.92 20.85 -25.19
CA ASP B 61 -36.32 20.74 -25.54
C ASP B 61 -37.19 20.24 -24.38
N LEU B 62 -36.60 19.52 -23.41
CA LEU B 62 -37.36 19.06 -22.26
C LEU B 62 -37.79 20.22 -21.37
N ALA B 63 -37.01 21.30 -21.35
CA ALA B 63 -37.37 22.47 -20.57
C ALA B 63 -38.68 23.09 -21.05
N GLY B 64 -38.87 23.12 -22.37
CA GLY B 64 -40.09 23.66 -22.95
C GLY B 64 -41.34 22.84 -22.58
N LEU B 65 -41.16 21.58 -22.18
CA LEU B 65 -42.27 20.75 -21.75
C LEU B 65 -42.45 20.89 -20.24
N ARG B 66 -43.61 21.40 -19.84
CA ARG B 66 -43.90 21.65 -18.43
C ARG B 66 -44.92 20.65 -17.87
N THR B 67 -46.00 20.40 -18.62
CA THR B 67 -47.06 19.51 -18.17
C THR B 67 -46.91 18.15 -18.85
N VAL B 68 -47.53 17.13 -18.24
CA VAL B 68 -47.54 15.79 -18.82
C VAL B 68 -48.18 15.81 -20.20
N GLY B 69 -49.17 16.68 -20.39
CA GLY B 69 -49.82 16.80 -21.69
C GLY B 69 -48.83 17.14 -22.81
N ASP B 70 -47.92 18.09 -22.54
CA ASP B 70 -46.94 18.48 -23.53
C ASP B 70 -46.04 17.29 -23.90
N VAL B 71 -45.57 16.56 -22.89
CA VAL B 71 -44.67 15.43 -23.13
C VAL B 71 -45.39 14.35 -23.94
N VAL B 72 -46.62 14.01 -23.55
CA VAL B 72 -47.34 12.96 -24.23
C VAL B 72 -47.66 13.38 -25.67
N ALA B 73 -48.02 14.65 -25.88
CA ALA B 73 -48.28 15.14 -27.23
C ALA B 73 -47.02 15.06 -28.09
N TYR B 74 -45.87 15.45 -27.52
CA TYR B 74 -44.62 15.39 -28.26
C TYR B 74 -44.27 13.96 -28.63
N ILE B 75 -44.47 13.02 -27.71
CA ILE B 75 -44.20 11.62 -27.99
C ILE B 75 -45.12 11.11 -29.09
N GLN B 76 -46.41 11.47 -29.03
CA GLN B 76 -47.36 11.03 -30.03
C GLN B 76 -47.02 11.60 -31.41
N LYS B 77 -46.52 12.84 -31.46
CA LYS B 77 -46.17 13.46 -32.72
C LYS B 77 -45.11 12.66 -33.48
N LEU B 78 -44.08 12.20 -32.75
CA LEU B 78 -43.01 11.43 -33.38
C LEU B 78 -43.41 9.95 -33.49
#